data_7YMR
#
_entry.id   7YMR
#
_cell.length_a   260.532
_cell.length_b   260.532
_cell.length_c   76.364
_cell.angle_alpha   90.000
_cell.angle_beta   90.000
_cell.angle_gamma   90.000
#
_symmetry.space_group_name_H-M   'P 43 21 2'
#
loop_
_entity.id
_entity.type
_entity.pdbx_description
1 polymer Lysoplasmalogenase
2 non-polymer '[(2~{R})-2-oxidanyl-3-[oxidanyl-[2-(trimethyl-$l^{5}-azanyl)ethoxy]phosphoryl]oxy-propyl] hexadecanoate'
3 water water
#
_entity_poly.entity_id   1
_entity_poly.type   'polypeptide(L)'
_entity_poly.pdbx_seq_one_letter_code
;MTTRTTDNPWLDARVLNMAHAGGENEAPANTLYAFKRAVKLGANMLELDVQSTKDDQLVVIHNATVDQTTDGTGKVRDLT
FEQVHELDAAYNFIPGRHAVPGEPPESYPLRGVRTGEKKPPPGYQPSDFAIPKLADVLEAFPRTPINIEIKGTSDADIPS
FLHNAKLLARLLKKTGRTDFIVTSLNDLAVAKFHLLAPDIPIAPGMAGLAAYFLLGVKPMHGTVALQIPVRYQGLEIATP
EFIRRAHADGYAVHVWFSGTAPDDEATYNRIIDSCADGLMPAYPALLERILDERGIERPGRPGVDPCGHHHHHH
;
_entity_poly.pdbx_strand_id   A,B,C,D
#
loop_
_chem_comp.id
_chem_comp.type
_chem_comp.name
_chem_comp.formula
KIP non-polymer '[(2~{R})-2-oxidanyl-3-[oxidanyl-[2-(trimethyl-$l^{5}-azanyl)ethoxy]phosphoryl]oxy-propyl] hexadecanoate' 'C24 H51 N O7 P 1'
#
# COMPACT_ATOMS: atom_id res chain seq x y z
N ASP A 7 21.14 7.57 -22.86
CA ASP A 7 20.02 8.47 -22.56
C ASP A 7 18.67 7.95 -23.07
N ASN A 8 17.85 8.86 -23.60
CA ASN A 8 16.47 8.54 -23.95
C ASN A 8 16.06 9.22 -25.26
N PRO A 9 16.02 8.46 -26.38
CA PRO A 9 15.67 9.08 -27.66
C PRO A 9 14.27 9.67 -27.69
N TRP A 10 13.38 9.24 -26.80
CA TRP A 10 11.99 9.65 -26.81
C TRP A 10 11.75 11.03 -26.24
N LEU A 11 12.76 11.66 -25.65
CA LEU A 11 12.62 13.04 -25.21
C LEU A 11 12.73 14.01 -26.37
N ASP A 12 13.16 13.52 -27.53
CA ASP A 12 13.21 14.29 -28.77
C ASP A 12 12.08 13.94 -29.72
N ALA A 13 11.58 12.71 -29.68
CA ALA A 13 10.42 12.32 -30.47
C ALA A 13 9.17 13.01 -29.92
N ARG A 14 8.97 14.25 -30.38
CA ARG A 14 7.89 15.11 -29.95
C ARG A 14 7.72 16.19 -31.03
N VAL A 15 6.49 16.64 -31.28
CA VAL A 15 5.27 16.22 -30.60
C VAL A 15 4.59 15.09 -31.34
N LEU A 16 4.20 14.04 -30.65
CA LEU A 16 3.73 12.84 -31.30
C LEU A 16 2.21 12.82 -31.37
N ASN A 17 1.71 12.41 -32.52
CA ASN A 17 0.31 12.21 -32.77
C ASN A 17 0.16 10.72 -32.78
N MET A 18 -0.31 10.16 -31.66
CA MET A 18 -0.36 8.72 -31.46
C MET A 18 -1.81 8.30 -31.57
N ALA A 19 -2.17 7.68 -32.68
CA ALA A 19 -3.57 7.36 -33.00
C ALA A 19 -4.09 6.32 -32.02
N HIS A 20 -4.99 6.73 -31.14
CA HIS A 20 -5.58 5.85 -30.15
C HIS A 20 -6.37 4.73 -30.81
N ALA A 21 -5.86 3.51 -30.78
CA ALA A 21 -6.46 2.41 -31.53
C ALA A 21 -6.67 2.75 -33.00
N GLY A 22 -5.96 3.76 -33.50
CA GLY A 22 -6.12 4.25 -34.84
C GLY A 22 -6.97 5.50 -34.95
N GLY A 23 -7.63 5.91 -33.87
CA GLY A 23 -8.57 7.01 -33.89
C GLY A 23 -10.00 6.53 -33.77
N GLU A 24 -10.37 6.04 -32.58
CA GLU A 24 -11.63 5.33 -32.41
C GLU A 24 -12.85 6.21 -32.71
N ASN A 25 -12.72 7.54 -32.61
CA ASN A 25 -13.81 8.44 -32.96
C ASN A 25 -13.85 8.81 -34.43
N GLU A 26 -12.80 8.46 -35.18
CA GLU A 26 -12.73 8.72 -36.60
C GLU A 26 -12.73 7.46 -37.45
N ALA A 27 -12.73 6.28 -36.87
CA ALA A 27 -12.63 5.04 -37.63
C ALA A 27 -12.89 3.86 -36.69
N PRO A 28 -13.32 2.73 -37.22
CA PRO A 28 -13.41 1.52 -36.41
C PRO A 28 -12.12 1.28 -35.62
N ALA A 29 -12.21 1.24 -34.29
CA ALA A 29 -11.03 1.02 -33.46
C ALA A 29 -10.37 -0.31 -33.78
N ASN A 30 -9.04 -0.33 -33.69
CA ASN A 30 -8.21 -1.52 -33.89
C ASN A 30 -8.60 -2.30 -35.14
N THR A 31 -8.57 -1.60 -36.28
CA THR A 31 -8.66 -2.22 -37.59
C THR A 31 -7.57 -1.66 -38.49
N LEU A 32 -7.22 -2.44 -39.51
CA LEU A 32 -6.19 -1.99 -40.43
C LEU A 32 -6.65 -0.75 -41.17
N TYR A 33 -7.96 -0.66 -41.43
CA TYR A 33 -8.49 0.57 -42.02
C TYR A 33 -8.07 1.76 -41.18
N ALA A 34 -8.36 1.68 -39.87
CA ALA A 34 -8.08 2.79 -38.97
C ALA A 34 -6.59 3.13 -38.94
N PHE A 35 -5.74 2.11 -38.80
CA PHE A 35 -4.29 2.33 -38.80
C PHE A 35 -3.80 2.90 -40.14
N LYS A 36 -4.17 2.25 -41.25
CA LYS A 36 -3.77 2.75 -42.57
C LYS A 36 -4.28 4.18 -42.78
N ARG A 37 -5.54 4.45 -42.44
CA ARG A 37 -6.00 5.84 -42.53
C ARG A 37 -5.13 6.73 -41.66
N ALA A 38 -4.97 6.36 -40.39
CA ALA A 38 -4.34 7.26 -39.41
C ALA A 38 -2.90 7.60 -39.80
N VAL A 39 -2.14 6.60 -40.29
CA VAL A 39 -0.77 6.88 -40.75
C VAL A 39 -0.82 7.84 -41.93
N LYS A 40 -1.68 7.55 -42.90
CA LYS A 40 -1.74 8.32 -44.13
C LYS A 40 -1.96 9.81 -43.89
N LEU A 41 -2.76 10.22 -42.89
CA LEU A 41 -2.97 11.66 -42.67
C LEU A 41 -1.94 12.29 -41.77
N GLY A 42 -0.97 11.52 -41.26
CA GLY A 42 0.17 12.12 -40.59
C GLY A 42 0.47 11.71 -39.16
N ALA A 43 -0.18 10.66 -38.66
CA ALA A 43 0.07 10.21 -37.31
C ALA A 43 1.46 9.58 -37.24
N ASN A 44 2.26 10.00 -36.25
CA ASN A 44 3.62 9.51 -36.13
C ASN A 44 3.71 8.11 -35.54
N MET A 45 2.63 7.63 -34.95
CA MET A 45 2.73 6.44 -34.13
C MET A 45 1.33 5.87 -34.02
N LEU A 46 1.23 4.56 -34.09
CA LEU A 46 -0.01 3.87 -33.75
C LEU A 46 -0.04 3.59 -32.25
N GLU A 47 -1.25 3.44 -31.72
CA GLU A 47 -1.48 3.01 -30.35
C GLU A 47 -2.51 1.91 -30.46
N LEU A 48 -2.25 0.76 -29.86
CA LEU A 48 -3.18 -0.35 -30.03
C LEU A 48 -3.16 -1.26 -28.81
N ASP A 49 -4.11 -2.19 -28.78
CA ASP A 49 -4.34 -3.14 -27.70
C ASP A 49 -4.24 -4.58 -28.20
N VAL A 50 -3.73 -5.49 -27.36
CA VAL A 50 -3.50 -6.88 -27.76
C VAL A 50 -4.15 -7.85 -26.79
N GLN A 51 -4.83 -8.85 -27.35
CA GLN A 51 -5.38 -10.00 -26.64
C GLN A 51 -4.94 -11.26 -27.36
N SER A 52 -5.36 -12.43 -26.86
CA SER A 52 -4.90 -13.66 -27.47
C SER A 52 -6.07 -14.63 -27.67
N THR A 53 -6.05 -15.30 -28.82
CA THR A 53 -7.05 -16.28 -29.20
C THR A 53 -6.84 -17.58 -28.44
N LYS A 54 -7.84 -18.47 -28.57
CA LYS A 54 -7.74 -19.81 -27.99
C LYS A 54 -6.51 -20.54 -28.49
N ASP A 55 -6.14 -20.33 -29.75
CA ASP A 55 -4.92 -20.92 -30.31
C ASP A 55 -3.73 -19.99 -30.21
N ASP A 56 -3.72 -19.12 -29.19
CA ASP A 56 -2.53 -18.35 -28.80
C ASP A 56 -2.02 -17.46 -29.92
N GLN A 57 -2.94 -16.77 -30.60
CA GLN A 57 -2.58 -15.80 -31.62
C GLN A 57 -2.85 -14.41 -31.06
N LEU A 58 -1.85 -13.53 -31.16
CA LEU A 58 -2.03 -12.15 -30.70
C LEU A 58 -2.88 -11.39 -31.72
N VAL A 59 -4.06 -10.97 -31.29
CA VAL A 59 -4.98 -10.19 -32.12
C VAL A 59 -5.13 -8.79 -31.52
N VAL A 60 -5.44 -7.81 -32.38
CA VAL A 60 -5.51 -6.40 -31.98
C VAL A 60 -6.96 -6.06 -31.69
N ILE A 61 -7.31 -6.05 -30.41
CA ILE A 61 -8.65 -5.74 -29.92
C ILE A 61 -8.47 -5.26 -28.49
N HIS A 62 -9.43 -4.48 -28.00
CA HIS A 62 -9.30 -3.85 -26.70
C HIS A 62 -10.06 -4.58 -25.60
N ASN A 63 -11.38 -4.71 -25.74
CA ASN A 63 -12.16 -5.44 -24.75
C ASN A 63 -11.75 -6.90 -24.73
N ALA A 64 -12.08 -7.57 -23.63
CA ALA A 64 -11.85 -9.01 -23.54
C ALA A 64 -12.87 -9.79 -24.36
N THR A 65 -14.00 -9.16 -24.71
CA THR A 65 -15.08 -9.77 -25.48
C THR A 65 -15.32 -8.99 -26.76
N VAL A 66 -15.62 -9.72 -27.84
CA VAL A 66 -15.78 -9.16 -29.17
C VAL A 66 -17.16 -8.52 -29.32
N ASP A 67 -17.95 -8.56 -28.24
CA ASP A 67 -19.35 -8.14 -28.33
C ASP A 67 -19.49 -6.70 -28.80
N GLN A 68 -18.65 -5.80 -28.28
CA GLN A 68 -18.92 -4.38 -28.47
C GLN A 68 -18.55 -3.90 -29.87
N THR A 69 -17.45 -4.40 -30.46
CA THR A 69 -16.95 -3.83 -31.71
C THR A 69 -17.24 -4.70 -32.94
N THR A 70 -17.94 -5.83 -32.80
CA THR A 70 -18.20 -6.73 -33.93
C THR A 70 -19.63 -7.29 -33.83
N ASP A 71 -19.97 -8.12 -34.81
CA ASP A 71 -21.25 -8.79 -34.90
C ASP A 71 -21.31 -10.06 -34.06
N GLY A 72 -20.19 -10.52 -33.52
CA GLY A 72 -20.15 -11.76 -32.77
C GLY A 72 -20.25 -11.55 -31.28
N THR A 73 -19.93 -12.62 -30.56
CA THR A 73 -20.04 -12.66 -29.11
C THR A 73 -19.01 -13.65 -28.57
N GLY A 74 -18.59 -13.45 -27.33
CA GLY A 74 -17.63 -14.32 -26.68
C GLY A 74 -16.31 -13.63 -26.34
N LYS A 75 -15.53 -14.31 -25.51
CA LYS A 75 -14.23 -13.81 -25.10
C LYS A 75 -13.18 -14.23 -26.11
N VAL A 76 -12.33 -13.27 -26.49
CA VAL A 76 -11.31 -13.52 -27.49
C VAL A 76 -10.52 -14.77 -27.19
N ARG A 77 -10.18 -15.01 -25.91
CA ARG A 77 -9.35 -16.17 -25.60
C ARG A 77 -10.11 -17.50 -25.80
N ASP A 78 -11.44 -17.48 -25.91
CA ASP A 78 -12.26 -18.67 -26.16
C ASP A 78 -12.43 -18.99 -27.65
N LEU A 79 -11.96 -18.12 -28.55
CA LEU A 79 -12.19 -18.23 -29.98
C LEU A 79 -10.86 -18.35 -30.72
N THR A 80 -10.88 -19.08 -31.82
CA THR A 80 -9.66 -19.18 -32.61
C THR A 80 -9.51 -17.95 -33.48
N PHE A 81 -8.30 -17.73 -33.98
CA PHE A 81 -8.10 -16.63 -34.90
C PHE A 81 -9.04 -16.73 -36.09
N GLU A 82 -9.20 -17.93 -36.65
CA GLU A 82 -10.08 -18.08 -37.81
C GLU A 82 -11.52 -17.70 -37.47
N GLN A 83 -11.96 -18.00 -36.25
CA GLN A 83 -13.26 -17.53 -35.79
C GLN A 83 -13.30 -16.01 -35.72
N VAL A 84 -12.27 -15.40 -35.11
CA VAL A 84 -12.25 -13.96 -34.86
C VAL A 84 -12.13 -13.18 -36.17
N HIS A 85 -11.43 -13.73 -37.17
CA HIS A 85 -11.09 -12.93 -38.34
C HIS A 85 -12.29 -12.71 -39.26
N GLU A 86 -13.26 -13.62 -39.22
CA GLU A 86 -14.40 -13.47 -40.11
C GLU A 86 -15.36 -12.38 -39.65
N LEU A 87 -15.22 -11.89 -38.41
CA LEU A 87 -16.22 -10.95 -37.94
C LEU A 87 -15.89 -9.52 -38.37
N ASP A 88 -16.93 -8.69 -38.30
CA ASP A 88 -16.91 -7.32 -38.83
C ASP A 88 -16.55 -6.37 -37.70
N ALA A 89 -15.29 -5.96 -37.64
CA ALA A 89 -14.85 -5.08 -36.57
C ALA A 89 -15.24 -3.63 -36.85
N ALA A 90 -16.26 -3.41 -37.67
CA ALA A 90 -16.82 -2.08 -37.83
C ALA A 90 -18.33 -2.12 -37.70
N TYR A 91 -18.87 -3.28 -37.29
CA TYR A 91 -20.30 -3.51 -37.20
C TYR A 91 -21.03 -2.44 -36.38
N ASN A 92 -20.39 -1.89 -35.36
CA ASN A 92 -21.05 -0.96 -34.46
C ASN A 92 -20.34 0.38 -34.39
N PHE A 93 -19.45 0.67 -35.33
CA PHE A 93 -18.79 1.96 -35.35
C PHE A 93 -19.78 3.05 -35.73
N ILE A 94 -19.72 4.17 -35.03
CA ILE A 94 -20.48 5.39 -35.34
C ILE A 94 -19.51 6.53 -35.17
N PRO A 95 -19.32 7.41 -36.17
CA PRO A 95 -18.40 8.53 -36.00
C PRO A 95 -18.70 9.31 -34.74
N GLY A 96 -17.66 9.84 -34.10
CA GLY A 96 -17.79 10.62 -32.88
C GLY A 96 -18.03 9.82 -31.60
N ARG A 97 -18.29 8.52 -31.69
CA ARG A 97 -18.85 7.79 -30.55
C ARG A 97 -18.31 6.37 -30.44
N HIS A 98 -17.20 6.09 -31.10
CA HIS A 98 -16.54 4.78 -31.06
C HIS A 98 -17.58 3.74 -31.48
N ALA A 99 -17.85 2.71 -30.68
CA ALA A 99 -18.72 1.61 -31.06
C ALA A 99 -19.89 1.54 -30.10
N VAL A 100 -21.10 1.52 -30.65
CA VAL A 100 -22.36 1.67 -29.91
C VAL A 100 -23.36 0.72 -30.53
N PRO A 101 -23.70 -0.38 -29.89
CA PRO A 101 -24.66 -1.31 -30.50
C PRO A 101 -26.11 -0.88 -30.27
N GLY A 102 -27.00 -1.40 -31.13
CA GLY A 102 -28.43 -1.20 -31.01
C GLY A 102 -29.01 0.06 -31.61
N GLU A 103 -28.36 0.66 -32.56
CA GLU A 103 -28.93 1.84 -33.20
C GLU A 103 -29.49 1.47 -34.57
N PRO A 104 -30.31 2.34 -35.17
CA PRO A 104 -30.77 2.12 -36.56
C PRO A 104 -29.62 1.76 -37.47
N PRO A 105 -29.76 0.72 -38.30
CA PRO A 105 -28.61 0.23 -39.09
C PRO A 105 -27.97 1.28 -39.96
N GLU A 106 -28.68 2.36 -40.25
CA GLU A 106 -28.13 3.44 -41.06
C GLU A 106 -27.16 4.31 -40.27
N SER A 107 -27.09 4.09 -38.95
CA SER A 107 -26.12 4.80 -38.11
C SER A 107 -24.69 4.41 -38.47
N TYR A 108 -24.53 3.22 -39.02
CA TYR A 108 -23.26 2.55 -39.12
C TYR A 108 -22.67 2.64 -40.53
N PRO A 109 -21.83 3.64 -40.79
CA PRO A 109 -21.41 3.89 -42.18
C PRO A 109 -20.50 2.82 -42.75
N LEU A 110 -19.89 1.96 -41.94
CA LEU A 110 -19.00 0.92 -42.44
C LEU A 110 -19.39 -0.48 -42.00
N ARG A 111 -20.50 -0.64 -41.28
CA ARG A 111 -21.02 -1.98 -41.03
C ARG A 111 -21.15 -2.75 -42.35
N GLY A 112 -20.81 -4.04 -42.33
CA GLY A 112 -21.07 -4.88 -43.49
C GLY A 112 -19.99 -4.89 -44.57
N VAL A 113 -19.03 -3.97 -44.53
CA VAL A 113 -17.94 -3.98 -45.52
C VAL A 113 -17.01 -5.20 -45.34
N ARG A 114 -16.71 -5.57 -44.10
CA ARG A 114 -15.94 -6.79 -43.89
C ARG A 114 -16.66 -8.00 -44.49
N THR A 115 -17.96 -8.08 -44.28
CA THR A 115 -18.77 -9.21 -44.73
C THR A 115 -19.14 -9.13 -46.21
N GLY A 116 -18.72 -8.08 -46.93
CA GLY A 116 -18.91 -7.98 -48.36
C GLY A 116 -20.23 -7.40 -48.83
N GLU A 117 -21.07 -6.90 -47.94
CA GLU A 117 -22.39 -6.40 -48.31
C GLU A 117 -22.37 -4.95 -48.76
N LYS A 118 -21.29 -4.23 -48.49
CA LYS A 118 -21.08 -2.91 -49.01
C LYS A 118 -19.70 -2.85 -49.63
N LYS A 119 -19.56 -2.01 -50.64
CA LYS A 119 -18.27 -1.86 -51.29
C LYS A 119 -17.37 -1.03 -50.38
N PRO A 120 -16.12 -1.45 -50.15
CA PRO A 120 -15.21 -0.70 -49.30
C PRO A 120 -14.90 0.67 -49.87
N PRO A 121 -14.59 1.64 -49.01
CA PRO A 121 -14.09 2.92 -49.52
C PRO A 121 -12.87 2.69 -50.39
N PRO A 122 -12.61 3.58 -51.35
CA PRO A 122 -11.49 3.38 -52.28
C PRO A 122 -10.17 3.27 -51.54
N GLY A 123 -9.47 2.16 -51.78
CA GLY A 123 -8.13 1.94 -51.27
C GLY A 123 -8.04 0.84 -50.24
N TYR A 124 -9.16 0.18 -49.93
CA TYR A 124 -9.23 -0.79 -48.85
C TYR A 124 -10.00 -2.03 -49.30
N GLN A 125 -9.67 -3.16 -48.70
CA GLN A 125 -10.14 -4.51 -48.95
C GLN A 125 -11.11 -4.85 -47.81
N PRO A 126 -11.99 -5.86 -47.95
CA PRO A 126 -12.82 -6.23 -46.79
C PRO A 126 -12.04 -6.65 -45.55
N SER A 127 -10.80 -7.13 -45.69
CA SER A 127 -10.03 -7.56 -44.53
C SER A 127 -9.58 -6.39 -43.65
N ASP A 128 -9.54 -5.17 -44.19
CA ASP A 128 -9.12 -4.00 -43.45
C ASP A 128 -10.11 -3.57 -42.34
N PHE A 129 -11.15 -4.41 -42.15
CA PHE A 129 -12.28 -4.10 -41.28
C PHE A 129 -12.56 -5.25 -40.34
N ALA A 130 -11.69 -6.27 -40.32
CA ALA A 130 -11.74 -7.30 -39.30
C ALA A 130 -10.74 -7.01 -38.19
N ILE A 131 -10.80 -7.84 -37.16
CA ILE A 131 -9.81 -7.83 -36.10
C ILE A 131 -8.50 -8.37 -36.67
N PRO A 132 -7.42 -7.60 -36.68
CA PRO A 132 -6.16 -8.09 -37.24
C PRO A 132 -5.26 -8.78 -36.23
N LYS A 133 -4.51 -9.77 -36.71
CA LYS A 133 -3.37 -10.29 -35.98
C LYS A 133 -2.35 -9.18 -35.77
N LEU A 134 -1.75 -9.15 -34.56
CA LEU A 134 -0.71 -8.16 -34.36
C LEU A 134 0.40 -8.35 -35.39
N ALA A 135 0.69 -9.61 -35.77
CA ALA A 135 1.70 -9.88 -36.77
C ALA A 135 1.39 -9.18 -38.08
N ASP A 136 0.11 -9.12 -38.47
CA ASP A 136 -0.28 -8.46 -39.72
C ASP A 136 -0.17 -6.96 -39.64
N VAL A 137 -0.42 -6.38 -38.47
CA VAL A 137 -0.20 -4.95 -38.32
C VAL A 137 1.28 -4.62 -38.44
N LEU A 138 2.14 -5.50 -37.92
CA LEU A 138 3.58 -5.22 -37.95
C LEU A 138 4.13 -5.35 -39.35
N GLU A 139 3.69 -6.38 -40.06
CA GLU A 139 3.93 -6.52 -41.50
C GLU A 139 3.54 -5.26 -42.25
N ALA A 140 2.36 -4.71 -41.94
CA ALA A 140 1.84 -3.56 -42.66
C ALA A 140 2.57 -2.26 -42.32
N PHE A 141 3.19 -2.15 -41.15
CA PHE A 141 3.88 -0.92 -40.77
C PHE A 141 5.29 -1.27 -40.30
N PRO A 142 6.14 -1.73 -41.21
CA PRO A 142 7.53 -2.00 -40.82
C PRO A 142 8.26 -0.79 -40.31
N ARG A 143 7.83 0.41 -40.63
CA ARG A 143 8.63 1.59 -40.34
C ARG A 143 7.85 2.64 -39.55
N THR A 144 6.77 2.25 -38.87
CA THR A 144 6.02 3.14 -37.99
C THR A 144 6.11 2.64 -36.55
N PRO A 145 6.50 3.47 -35.60
CA PRO A 145 6.52 3.01 -34.21
C PRO A 145 5.12 2.63 -33.76
N ILE A 146 5.02 1.60 -32.92
CA ILE A 146 3.73 1.12 -32.45
C ILE A 146 3.73 1.05 -30.92
N ASN A 147 2.78 1.74 -30.30
CA ASN A 147 2.61 1.69 -28.85
C ASN A 147 1.62 0.56 -28.54
N ILE A 148 2.11 -0.50 -27.91
CA ILE A 148 1.33 -1.73 -27.69
C ILE A 148 1.01 -1.86 -26.20
N GLU A 149 -0.24 -2.21 -25.90
CA GLU A 149 -0.71 -2.29 -24.53
C GLU A 149 -1.25 -3.69 -24.27
N ILE A 150 -0.77 -4.32 -23.22
CA ILE A 150 -1.13 -5.70 -22.95
C ILE A 150 -2.44 -5.70 -22.18
N LYS A 151 -3.40 -6.50 -22.65
CA LYS A 151 -4.71 -6.55 -22.03
C LYS A 151 -4.93 -7.94 -21.44
N GLY A 152 -6.04 -8.11 -20.72
CA GLY A 152 -6.33 -9.38 -20.08
C GLY A 152 -7.81 -9.72 -20.13
N THR A 153 -8.14 -10.87 -19.55
CA THR A 153 -9.52 -11.35 -19.62
C THR A 153 -10.42 -10.57 -18.66
N SER A 154 -9.90 -10.23 -17.49
CA SER A 154 -10.57 -9.37 -16.53
C SER A 154 -9.48 -8.73 -15.69
N ASP A 155 -9.82 -7.66 -14.98
CA ASP A 155 -8.80 -6.93 -14.22
C ASP A 155 -8.03 -7.83 -13.25
N ALA A 156 -8.68 -8.83 -12.67
CA ALA A 156 -8.06 -9.63 -11.63
C ALA A 156 -7.41 -10.91 -12.16
N ASP A 157 -7.60 -11.24 -13.43
CA ASP A 157 -7.06 -12.46 -14.05
C ASP A 157 -5.60 -12.21 -14.45
N ILE A 158 -4.75 -12.21 -13.43
CA ILE A 158 -3.31 -11.97 -13.60
C ILE A 158 -2.68 -13.00 -14.54
N PRO A 159 -3.13 -14.27 -14.53
CA PRO A 159 -2.58 -15.21 -15.53
C PRO A 159 -2.82 -14.80 -16.98
N SER A 160 -3.96 -14.21 -17.32
CA SER A 160 -4.17 -13.84 -18.72
C SER A 160 -3.24 -12.71 -19.15
N PHE A 161 -2.95 -11.72 -18.28
CA PHE A 161 -1.95 -10.72 -18.67
C PHE A 161 -0.59 -11.36 -18.89
N LEU A 162 -0.19 -12.30 -18.03
CA LEU A 162 1.13 -12.90 -18.16
C LEU A 162 1.22 -13.79 -19.39
N HIS A 163 0.16 -14.53 -19.68
CA HIS A 163 0.08 -15.26 -20.94
C HIS A 163 0.31 -14.31 -22.12
N ASN A 164 -0.36 -13.15 -22.12
CA ASN A 164 -0.20 -12.21 -23.23
C ASN A 164 1.19 -11.61 -23.25
N ALA A 165 1.75 -11.29 -22.09
CA ALA A 165 3.10 -10.75 -22.06
C ALA A 165 4.11 -11.71 -22.68
N LYS A 166 3.97 -13.00 -22.36
CA LYS A 166 4.85 -13.99 -22.98
C LYS A 166 4.67 -13.99 -24.49
N LEU A 167 3.43 -14.16 -24.96
CA LEU A 167 3.14 -14.15 -26.39
C LEU A 167 3.67 -12.90 -27.07
N LEU A 168 3.54 -11.74 -26.41
CA LEU A 168 3.96 -10.50 -27.03
C LEU A 168 5.48 -10.43 -27.19
N ALA A 169 6.22 -10.73 -26.11
CA ALA A 169 7.68 -10.66 -26.16
C ALA A 169 8.25 -11.61 -27.21
N ARG A 170 7.74 -12.84 -27.28
CA ARG A 170 8.21 -13.77 -28.31
C ARG A 170 8.10 -13.14 -29.70
N LEU A 171 6.91 -12.64 -30.02
CA LEU A 171 6.68 -12.10 -31.35
C LEU A 171 7.53 -10.86 -31.59
N LEU A 172 7.55 -9.92 -30.65
CA LEU A 172 8.30 -8.69 -30.89
C LEU A 172 9.79 -8.94 -30.99
N LYS A 173 10.27 -10.01 -30.32
CA LYS A 173 11.67 -10.38 -30.45
C LYS A 173 11.99 -10.78 -31.89
N LYS A 174 11.16 -11.66 -32.47
CA LYS A 174 11.36 -12.17 -33.82
C LYS A 174 11.47 -11.06 -34.88
N THR A 175 10.80 -9.91 -34.68
CA THR A 175 10.96 -8.82 -35.63
C THR A 175 12.32 -8.14 -35.50
N GLY A 176 13.00 -8.32 -34.38
CA GLY A 176 14.23 -7.61 -34.12
C GLY A 176 14.09 -6.11 -34.07
N ARG A 177 12.86 -5.61 -33.94
CA ARG A 177 12.62 -4.17 -33.92
C ARG A 177 12.71 -3.61 -32.50
N THR A 178 12.82 -2.29 -32.43
CA THR A 178 13.01 -1.58 -31.18
C THR A 178 12.11 -0.36 -31.06
N ASP A 179 11.40 0.04 -32.12
CA ASP A 179 10.54 1.22 -32.08
C ASP A 179 9.13 0.84 -31.64
N PHE A 180 9.07 0.30 -30.42
CA PHE A 180 7.84 0.02 -29.71
C PHE A 180 7.90 0.69 -28.34
N ILE A 181 6.74 0.83 -27.72
CA ILE A 181 6.62 1.08 -26.29
C ILE A 181 5.55 0.12 -25.78
N VAL A 182 5.95 -0.87 -25.01
CA VAL A 182 5.04 -1.88 -24.47
C VAL A 182 4.65 -1.47 -23.07
N THR A 183 3.39 -1.72 -22.71
CA THR A 183 2.86 -1.23 -21.44
C THR A 183 1.62 -2.06 -21.10
N SER A 184 1.11 -1.81 -19.90
CA SER A 184 -0.07 -2.52 -19.40
C SER A 184 -0.55 -1.78 -18.17
N LEU A 185 -1.85 -1.85 -17.88
CA LEU A 185 -2.26 -1.31 -16.59
C LEU A 185 -1.75 -2.20 -15.47
N ASN A 186 -1.47 -3.47 -15.77
CA ASN A 186 -1.00 -4.45 -14.78
C ASN A 186 0.53 -4.46 -14.75
N ASP A 187 1.09 -3.96 -13.63
CA ASP A 187 2.53 -3.81 -13.49
C ASP A 187 3.28 -5.14 -13.59
N LEU A 188 2.64 -6.24 -13.16
CA LEU A 188 3.29 -7.53 -13.27
C LEU A 188 3.58 -7.86 -14.73
N ALA A 189 2.60 -7.65 -15.60
CA ALA A 189 2.81 -7.84 -17.03
C ALA A 189 3.99 -7.03 -17.55
N VAL A 190 4.15 -5.79 -17.11
CA VAL A 190 5.29 -5.02 -17.58
C VAL A 190 6.60 -5.65 -17.13
N ALA A 191 6.66 -6.04 -15.86
CA ALA A 191 7.89 -6.62 -15.32
C ALA A 191 8.23 -7.90 -16.05
N LYS A 192 7.22 -8.74 -16.30
CA LYS A 192 7.45 -9.99 -17.01
C LYS A 192 7.80 -9.73 -18.46
N PHE A 193 7.16 -8.74 -19.09
CA PHE A 193 7.54 -8.43 -20.45
C PHE A 193 8.98 -7.92 -20.50
N HIS A 194 9.34 -7.01 -19.60
CA HIS A 194 10.68 -6.46 -19.61
C HIS A 194 11.71 -7.55 -19.35
N LEU A 195 11.36 -8.57 -18.57
CA LEU A 195 12.30 -9.66 -18.35
C LEU A 195 12.53 -10.46 -19.62
N LEU A 196 11.45 -10.77 -20.34
CA LEU A 196 11.54 -11.57 -21.56
C LEU A 196 12.09 -10.82 -22.74
N ALA A 197 12.05 -9.49 -22.76
CA ALA A 197 12.39 -8.73 -23.96
C ALA A 197 13.07 -7.43 -23.58
N PRO A 198 14.18 -7.50 -22.86
CA PRO A 198 14.73 -6.29 -22.21
C PRO A 198 15.06 -5.16 -23.17
N ASP A 199 15.22 -5.43 -24.45
CA ASP A 199 15.66 -4.40 -25.38
C ASP A 199 14.53 -3.46 -25.83
N ILE A 200 13.28 -3.80 -25.55
CA ILE A 200 12.12 -3.08 -26.08
C ILE A 200 11.65 -2.05 -25.06
N PRO A 201 11.53 -0.78 -25.43
CA PRO A 201 11.09 0.25 -24.48
C PRO A 201 9.75 -0.07 -23.84
N ILE A 202 9.61 0.27 -22.55
CA ILE A 202 8.33 0.09 -21.86
C ILE A 202 7.84 1.41 -21.31
N ALA A 203 6.65 1.38 -20.71
CA ALA A 203 6.12 2.46 -19.90
C ALA A 203 5.40 1.86 -18.70
N PRO A 204 5.40 2.56 -17.56
CA PRO A 204 4.94 1.94 -16.31
C PRO A 204 3.46 1.61 -16.31
N GLY A 205 3.14 0.57 -15.55
CA GLY A 205 1.78 0.25 -15.22
C GLY A 205 1.26 1.14 -14.10
N MET A 206 0.08 0.75 -13.61
CA MET A 206 -0.68 1.60 -12.69
C MET A 206 0.10 1.86 -11.40
N ALA A 207 0.65 0.81 -10.77
CA ALA A 207 1.27 1.02 -9.47
C ALA A 207 2.58 1.79 -9.59
N GLY A 208 3.31 1.57 -10.69
CA GLY A 208 4.51 2.36 -10.92
C GLY A 208 4.20 3.84 -11.11
N LEU A 209 3.06 4.14 -11.75
CA LEU A 209 2.70 5.54 -11.94
C LEU A 209 2.36 6.18 -10.61
N ALA A 210 1.49 5.50 -9.84
CA ALA A 210 1.15 5.96 -8.49
C ALA A 210 2.42 6.19 -7.69
N ALA A 211 3.31 5.19 -7.67
CA ALA A 211 4.54 5.28 -6.89
C ALA A 211 5.42 6.43 -7.35
N TYR A 212 5.53 6.66 -8.67
CA TYR A 212 6.29 7.82 -9.13
C TYR A 212 5.61 9.12 -8.72
N PHE A 213 4.30 9.23 -8.95
CA PHE A 213 3.62 10.49 -8.68
C PHE A 213 3.69 10.82 -7.20
N LEU A 214 3.43 9.83 -6.35
CA LEU A 214 3.30 9.99 -4.91
C LEU A 214 4.63 9.99 -4.15
N LEU A 215 5.55 9.06 -4.45
CA LEU A 215 6.75 8.82 -3.64
C LEU A 215 8.07 9.07 -4.38
N GLY A 216 8.03 9.57 -5.61
CA GLY A 216 9.22 9.76 -6.41
C GLY A 216 9.90 8.51 -6.90
N VAL A 217 9.30 7.34 -6.76
CA VAL A 217 10.10 6.16 -7.02
C VAL A 217 10.16 5.97 -8.54
N LYS A 218 11.40 5.92 -9.09
CA LYS A 218 11.58 5.93 -10.54
C LYS A 218 10.95 4.66 -11.11
N PRO A 219 10.30 4.74 -12.26
CA PRO A 219 9.61 3.57 -12.80
C PRO A 219 10.62 2.55 -13.30
N MET A 220 10.11 1.34 -13.53
CA MET A 220 10.95 0.21 -13.88
C MET A 220 11.99 0.60 -14.91
N HIS A 221 13.23 0.20 -14.63
CA HIS A 221 14.33 0.29 -15.59
C HIS A 221 13.84 -0.09 -16.98
N GLY A 222 14.29 0.66 -17.98
CA GLY A 222 13.80 0.49 -19.34
C GLY A 222 12.64 1.39 -19.71
N THR A 223 12.03 2.08 -18.75
CA THR A 223 10.95 3.01 -19.03
C THR A 223 11.45 4.17 -19.88
N VAL A 224 10.70 4.49 -20.94
CA VAL A 224 11.10 5.60 -21.81
C VAL A 224 10.15 6.76 -21.58
N ALA A 225 8.91 6.44 -21.23
CA ALA A 225 7.90 7.46 -21.15
C ALA A 225 6.92 7.13 -20.03
N LEU A 226 6.31 8.16 -19.47
CA LEU A 226 5.15 7.99 -18.60
C LEU A 226 3.91 8.23 -19.44
N GLN A 227 3.04 7.23 -19.54
CA GLN A 227 1.85 7.30 -20.37
C GLN A 227 0.67 7.43 -19.41
N ILE A 228 0.12 8.63 -19.32
CA ILE A 228 -0.81 9.04 -18.28
C ILE A 228 -2.14 9.51 -18.87
N PRO A 229 -3.26 9.26 -18.20
CA PRO A 229 -4.50 9.97 -18.54
C PRO A 229 -4.36 11.41 -18.10
N VAL A 230 -5.29 12.26 -18.54
CA VAL A 230 -5.28 13.66 -18.12
C VAL A 230 -5.59 13.76 -16.62
N ARG A 231 -6.75 13.24 -16.22
CA ARG A 231 -7.22 13.20 -14.85
C ARG A 231 -7.42 11.74 -14.46
N TYR A 232 -7.26 11.45 -13.18
CA TYR A 232 -7.65 10.16 -12.64
C TYR A 232 -8.27 10.36 -11.27
N GLN A 233 -9.44 9.73 -11.08
CA GLN A 233 -10.27 9.84 -9.89
C GLN A 233 -10.25 11.24 -9.28
N GLY A 234 -10.41 12.26 -10.12
CA GLY A 234 -10.42 13.61 -9.66
C GLY A 234 -9.07 14.30 -9.65
N LEU A 235 -7.97 13.55 -9.60
CA LEU A 235 -6.66 14.19 -9.55
C LEU A 235 -6.20 14.54 -10.96
N GLU A 236 -5.76 15.79 -11.12
CA GLU A 236 -5.22 16.28 -12.38
C GLU A 236 -3.78 15.76 -12.53
N ILE A 237 -3.54 14.90 -13.52
CA ILE A 237 -2.22 14.31 -13.70
C ILE A 237 -1.39 15.10 -14.70
N ALA A 238 -1.98 15.39 -15.86
CA ALA A 238 -1.21 15.89 -17.01
C ALA A 238 -1.21 17.41 -17.01
N THR A 239 -0.49 17.94 -16.05
CA THR A 239 -0.28 19.35 -15.80
C THR A 239 1.10 19.79 -16.27
N PRO A 240 1.30 21.09 -16.47
CA PRO A 240 2.66 21.55 -16.79
C PRO A 240 3.69 21.15 -15.76
N GLU A 241 3.32 21.20 -14.47
CA GLU A 241 4.28 20.90 -13.40
C GLU A 241 4.68 19.44 -13.40
N PHE A 242 3.68 18.55 -13.45
CA PHE A 242 4.03 17.14 -13.46
C PHE A 242 4.90 16.81 -14.65
N ILE A 243 4.66 17.46 -15.79
CA ILE A 243 5.46 17.11 -16.94
C ILE A 243 6.82 17.80 -16.85
N ARG A 244 6.87 18.94 -16.19
CA ARG A 244 8.17 19.55 -15.89
C ARG A 244 9.05 18.58 -15.11
N ARG A 245 8.48 17.92 -14.08
CA ARG A 245 9.30 17.02 -13.27
C ARG A 245 9.60 15.74 -14.01
N ALA A 246 8.63 15.17 -14.71
CA ALA A 246 8.93 13.96 -15.46
C ALA A 246 10.07 14.20 -16.44
N HIS A 247 10.05 15.33 -17.13
CA HIS A 247 11.14 15.68 -18.03
C HIS A 247 12.46 15.76 -17.28
N ALA A 248 12.48 16.52 -16.18
CA ALA A 248 13.68 16.63 -15.35
C ALA A 248 14.27 15.26 -15.01
N ASP A 249 13.43 14.28 -14.68
CA ASP A 249 13.90 12.95 -14.37
C ASP A 249 14.14 12.11 -15.60
N GLY A 250 14.18 12.69 -16.79
CA GLY A 250 14.56 11.94 -17.98
C GLY A 250 13.49 11.12 -18.67
N TYR A 251 12.20 11.33 -18.36
CA TYR A 251 11.12 10.55 -18.94
C TYR A 251 10.29 11.38 -19.94
N ALA A 252 9.80 10.75 -21.00
CA ALA A 252 8.80 11.42 -21.81
C ALA A 252 7.41 11.23 -21.21
N VAL A 253 6.49 12.13 -21.57
CA VAL A 253 5.08 12.05 -21.13
C VAL A 253 4.15 12.01 -22.35
N HIS A 254 3.42 10.91 -22.50
CA HIS A 254 2.38 10.75 -23.48
C HIS A 254 1.04 10.73 -22.76
N VAL A 255 0.09 11.52 -23.25
CA VAL A 255 -1.19 11.73 -22.57
C VAL A 255 -2.32 11.08 -23.36
N TRP A 256 -3.20 10.37 -22.67
CA TRP A 256 -4.37 9.78 -23.30
C TRP A 256 -5.63 10.31 -22.62
N PHE A 257 -6.80 9.95 -23.17
CA PHE A 257 -8.02 10.67 -22.81
C PHE A 257 -9.09 9.68 -22.40
N SER A 258 -9.73 9.04 -23.37
CA SER A 258 -10.51 7.84 -23.12
C SER A 258 -11.45 8.00 -21.91
N GLY A 259 -12.22 9.07 -21.91
CA GLY A 259 -13.20 9.32 -20.87
C GLY A 259 -12.69 10.07 -19.66
N THR A 260 -11.38 10.24 -19.49
CA THR A 260 -10.90 11.02 -18.35
C THR A 260 -10.93 12.51 -18.61
N ALA A 261 -11.00 12.90 -19.88
CA ALA A 261 -11.15 14.29 -20.30
C ALA A 261 -11.62 14.28 -21.74
N PRO A 262 -12.27 15.34 -22.19
CA PRO A 262 -12.87 15.31 -23.53
C PRO A 262 -11.82 15.22 -24.63
N ASP A 263 -12.11 14.38 -25.62
CA ASP A 263 -11.36 14.33 -26.89
C ASP A 263 -11.78 15.50 -27.77
N ASP A 264 -11.31 16.69 -27.44
CA ASP A 264 -11.74 17.86 -28.20
C ASP A 264 -10.58 18.82 -28.37
N GLU A 265 -10.87 19.97 -28.99
CA GLU A 265 -9.80 20.81 -29.48
C GLU A 265 -9.16 21.59 -28.34
N ALA A 266 -9.97 22.11 -27.41
CA ALA A 266 -9.41 22.87 -26.29
C ALA A 266 -8.51 22.00 -25.42
N THR A 267 -8.91 20.74 -25.22
CA THR A 267 -8.14 19.81 -24.41
C THR A 267 -6.80 19.48 -25.06
N TYR A 268 -6.83 19.01 -26.30
CA TYR A 268 -5.60 18.77 -27.04
C TYR A 268 -4.66 19.96 -26.97
N ASN A 269 -5.22 21.18 -27.08
CA ASN A 269 -4.39 22.37 -27.01
C ASN A 269 -3.76 22.52 -25.63
N ARG A 270 -4.52 22.24 -24.56
CA ARG A 270 -3.98 22.46 -23.23
C ARG A 270 -2.87 21.47 -22.93
N ILE A 271 -3.05 20.23 -23.37
CA ILE A 271 -2.04 19.20 -23.19
C ILE A 271 -0.82 19.48 -24.04
N ILE A 272 -1.01 20.03 -25.25
CA ILE A 272 0.13 20.48 -26.04
C ILE A 272 0.87 21.59 -25.30
N ASP A 273 0.12 22.56 -24.77
CA ASP A 273 0.71 23.68 -24.03
C ASP A 273 1.40 23.24 -22.75
N SER A 274 1.08 22.06 -22.24
CA SER A 274 1.64 21.50 -21.03
C SER A 274 2.94 20.75 -21.27
N CYS A 275 3.43 20.77 -22.51
CA CYS A 275 4.71 20.24 -22.96
C CYS A 275 4.73 18.74 -23.05
N ALA A 276 3.58 18.08 -23.06
CA ALA A 276 3.57 16.65 -23.36
C ALA A 276 4.28 16.39 -24.69
N ASP A 277 4.85 15.22 -24.78
CA ASP A 277 5.64 14.84 -25.93
C ASP A 277 4.82 14.10 -26.94
N GLY A 278 3.67 13.58 -26.52
CA GLY A 278 2.78 12.88 -27.42
C GLY A 278 1.38 12.93 -26.87
N LEU A 279 0.40 12.96 -27.77
CA LEU A 279 -1.00 12.79 -27.39
C LEU A 279 -1.53 11.52 -28.02
N MET A 280 -2.57 10.96 -27.41
CA MET A 280 -3.23 9.77 -27.92
C MET A 280 -4.68 10.11 -28.22
N PRO A 281 -4.95 10.82 -29.32
CA PRO A 281 -6.30 11.33 -29.58
C PRO A 281 -7.21 10.28 -30.18
N ALA A 282 -8.49 10.41 -29.89
CA ALA A 282 -9.46 9.60 -30.61
C ALA A 282 -9.77 10.21 -31.96
N TYR A 283 -9.38 11.48 -32.14
CA TYR A 283 -9.48 12.27 -33.35
C TYR A 283 -8.10 12.62 -33.92
N PRO A 284 -7.37 11.63 -34.47
CA PRO A 284 -6.01 11.94 -34.98
C PRO A 284 -6.01 12.97 -36.11
N ALA A 285 -7.07 12.99 -36.95
CA ALA A 285 -7.21 14.07 -37.92
C ALA A 285 -7.33 15.42 -37.26
N LEU A 286 -8.15 15.52 -36.23
CA LEU A 286 -8.30 16.81 -35.57
C LEU A 286 -6.99 17.25 -34.93
N LEU A 287 -6.23 16.31 -34.37
CA LEU A 287 -4.98 16.71 -33.73
C LEU A 287 -3.97 17.13 -34.80
N GLU A 288 -3.87 16.34 -35.86
CA GLU A 288 -2.92 16.67 -36.93
C GLU A 288 -3.18 18.06 -37.47
N ARG A 289 -4.45 18.50 -37.50
CA ARG A 289 -4.75 19.83 -38.03
C ARG A 289 -4.29 20.89 -37.05
N ILE A 290 -4.48 20.63 -35.75
CA ILE A 290 -4.04 21.59 -34.74
C ILE A 290 -2.53 21.76 -34.79
N LEU A 291 -1.78 20.65 -34.91
CA LEU A 291 -0.32 20.71 -34.93
C LEU A 291 0.19 21.46 -36.16
N ASP A 292 -0.34 21.12 -37.34
CA ASP A 292 -0.03 21.81 -38.59
C ASP A 292 -0.33 23.29 -38.47
N GLU A 293 -1.52 23.62 -37.97
CA GLU A 293 -1.92 25.01 -37.85
C GLU A 293 -1.05 25.77 -36.86
N ARG A 294 -0.56 25.12 -35.80
CA ARG A 294 0.25 25.83 -34.82
C ARG A 294 1.74 25.73 -35.12
N GLY A 295 2.14 24.90 -36.09
CA GLY A 295 3.54 24.78 -36.42
C GLY A 295 4.35 24.10 -35.34
N ILE A 296 3.76 23.14 -34.65
CA ILE A 296 4.41 22.52 -33.52
C ILE A 296 5.50 21.58 -34.02
N GLU A 297 6.63 21.59 -33.34
CA GLU A 297 7.70 20.68 -33.70
C GLU A 297 7.16 19.26 -33.78
N ARG A 298 7.74 18.47 -34.65
CA ARG A 298 7.33 17.09 -34.88
C ARG A 298 8.60 16.29 -35.00
N PRO A 299 8.50 14.96 -34.94
CA PRO A 299 9.72 14.15 -35.07
C PRO A 299 10.33 14.36 -36.44
N GLY A 300 11.57 14.85 -36.44
CA GLY A 300 12.25 15.25 -37.67
C GLY A 300 11.94 16.70 -37.97
N ARG A 301 10.80 16.92 -38.65
CA ARG A 301 10.21 18.21 -38.96
C ARG A 301 10.22 19.20 -37.79
N PRO A 302 11.13 20.19 -37.75
CA PRO A 302 11.18 21.06 -36.57
C PRO A 302 10.10 22.11 -36.65
N GLY A 303 10.14 23.09 -35.75
CA GLY A 303 9.04 24.04 -35.67
C GLY A 303 8.98 24.68 -34.30
N VAL A 304 7.76 25.02 -33.90
CA VAL A 304 7.53 25.74 -32.65
C VAL A 304 7.54 24.77 -31.48
N ASP A 305 8.22 25.18 -30.40
CA ASP A 305 8.18 24.50 -29.11
C ASP A 305 7.20 25.25 -28.23
N PRO A 306 6.03 24.67 -27.93
CA PRO A 306 4.95 25.44 -27.29
C PRO A 306 5.20 25.85 -25.85
N CYS A 307 6.43 25.71 -25.36
CA CYS A 307 6.79 26.09 -24.00
C CYS A 307 8.29 26.07 -23.74
N ASP B 7 24.90 19.69 -2.50
CA ASP B 7 25.10 19.41 -1.07
C ASP B 7 24.02 20.07 -0.21
N ASN B 8 23.75 19.51 0.99
CA ASN B 8 22.56 19.83 1.78
C ASN B 8 22.87 20.77 2.94
N PRO B 9 22.54 22.06 2.84
CA PRO B 9 22.85 23.00 3.96
C PRO B 9 22.20 22.65 5.28
N TRP B 10 21.11 21.88 5.28
CA TRP B 10 20.35 21.70 6.52
C TRP B 10 21.04 20.76 7.49
N LEU B 11 22.08 20.06 7.04
CA LEU B 11 22.91 19.28 7.94
C LEU B 11 23.91 20.13 8.73
N ASP B 12 24.09 21.39 8.36
CA ASP B 12 24.86 22.34 9.13
C ASP B 12 23.99 23.31 9.91
N ALA B 13 22.67 23.25 9.73
CA ALA B 13 21.72 23.94 10.59
C ALA B 13 21.42 23.03 11.78
N ARG B 14 22.34 23.03 12.74
CA ARG B 14 22.17 22.28 13.96
C ARG B 14 22.90 23.02 15.08
N VAL B 15 22.44 22.86 16.32
CA VAL B 15 21.20 22.14 16.62
C VAL B 15 20.06 23.17 16.67
N LEU B 16 18.90 22.85 16.08
CA LEU B 16 17.83 23.82 15.90
C LEU B 16 16.79 23.64 16.99
N ASN B 17 16.49 24.72 17.70
CA ASN B 17 15.30 24.85 18.52
C ASN B 17 14.19 25.33 17.60
N MET B 18 13.23 24.45 17.31
CA MET B 18 12.16 24.75 16.37
C MET B 18 10.87 24.88 17.18
N ALA B 19 10.46 26.11 17.45
CA ALA B 19 9.32 26.33 18.32
C ALA B 19 8.07 25.63 17.81
N HIS B 20 7.62 24.61 18.52
CA HIS B 20 6.48 23.81 18.08
C HIS B 20 5.18 24.58 18.26
N ALA B 21 4.54 24.96 17.15
CA ALA B 21 3.38 25.87 17.19
C ALA B 21 3.71 27.12 17.98
N GLY B 22 4.98 27.52 17.94
CA GLY B 22 5.51 28.56 18.77
C GLY B 22 5.80 28.16 20.21
N GLY B 23 5.43 26.95 20.62
CA GLY B 23 5.68 26.47 21.95
C GLY B 23 4.41 26.35 22.76
N GLU B 24 3.56 25.39 22.40
CA GLU B 24 2.19 25.37 22.90
C GLU B 24 2.09 25.20 24.42
N ASN B 25 3.16 24.84 25.10
CA ASN B 25 3.07 24.73 26.54
C ASN B 25 3.53 26.00 27.26
N GLU B 26 4.25 26.88 26.58
CA GLU B 26 4.68 28.13 27.18
C GLU B 26 3.90 29.35 26.70
N ALA B 27 3.02 29.20 25.72
CA ALA B 27 2.37 30.32 25.05
C ALA B 27 1.22 29.77 24.20
N PRO B 28 0.20 30.58 23.91
CA PRO B 28 -0.95 30.09 23.14
C PRO B 28 -0.52 29.70 21.73
N ALA B 29 -0.75 28.43 21.41
CA ALA B 29 -0.28 27.86 20.15
C ALA B 29 -0.69 28.71 18.95
N ASN B 30 0.23 28.83 18.01
CA ASN B 30 -0.11 29.27 16.66
C ASN B 30 -0.63 30.71 16.65
N THR B 31 -0.07 31.56 17.51
CA THR B 31 -0.42 32.96 17.61
C THR B 31 0.84 33.81 17.47
N LEU B 32 0.65 35.03 16.96
CA LEU B 32 1.80 35.92 16.77
C LEU B 32 2.52 36.18 18.08
N TYR B 33 1.79 36.27 19.19
CA TYR B 33 2.43 36.34 20.50
C TYR B 33 3.45 35.22 20.63
N ALA B 34 2.98 33.97 20.49
CA ALA B 34 3.82 32.81 20.71
C ALA B 34 5.04 32.83 19.80
N PHE B 35 4.85 33.21 18.53
CA PHE B 35 5.98 33.21 17.60
C PHE B 35 6.98 34.31 17.92
N LYS B 36 6.50 35.54 18.20
CA LYS B 36 7.43 36.61 18.56
C LYS B 36 8.16 36.31 19.88
N ARG B 37 7.41 35.82 20.87
CA ARG B 37 8.05 35.38 22.12
C ARG B 37 9.14 34.34 21.84
N ALA B 38 8.82 33.31 21.04
CA ALA B 38 9.76 32.21 20.85
C ALA B 38 11.03 32.64 20.11
N VAL B 39 10.90 33.48 19.07
CA VAL B 39 12.09 33.99 18.39
C VAL B 39 12.93 34.83 19.34
N LYS B 40 12.28 35.67 20.17
CA LYS B 40 13.05 36.52 21.06
C LYS B 40 13.81 35.69 22.09
N LEU B 41 13.21 34.59 22.57
CA LEU B 41 13.86 33.70 23.53
C LEU B 41 14.94 32.84 22.89
N GLY B 42 15.08 32.89 21.57
CA GLY B 42 16.26 32.37 20.89
C GLY B 42 15.99 31.22 19.96
N ALA B 43 14.71 30.99 19.63
CA ALA B 43 14.38 29.91 18.72
C ALA B 43 14.90 30.21 17.32
N ASN B 44 15.38 29.16 16.65
CA ASN B 44 15.97 29.30 15.33
C ASN B 44 14.95 29.32 14.21
N MET B 45 13.81 28.67 14.45
CA MET B 45 12.85 28.34 13.42
C MET B 45 11.46 28.32 14.05
N LEU B 46 10.46 28.72 13.27
CA LEU B 46 9.07 28.56 13.67
C LEU B 46 8.47 27.32 13.04
N GLU B 47 7.65 26.60 13.81
CA GLU B 47 6.96 25.41 13.35
C GLU B 47 5.47 25.66 13.51
N LEU B 48 4.71 25.56 12.41
CA LEU B 48 3.31 25.93 12.39
C LEU B 48 2.50 25.03 11.46
N ASP B 49 1.19 25.05 11.66
CA ASP B 49 0.23 24.39 10.82
C ASP B 49 -0.58 25.41 10.01
N VAL B 50 -1.20 24.96 8.91
CA VAL B 50 -2.06 25.85 8.12
C VAL B 50 -3.34 25.13 7.69
N GLN B 51 -4.40 25.93 7.62
CA GLN B 51 -5.71 25.57 7.12
C GLN B 51 -6.17 26.73 6.25
N SER B 52 -7.29 26.53 5.52
CA SER B 52 -7.84 27.59 4.70
C SER B 52 -9.25 27.95 5.13
N THR B 53 -9.55 29.24 5.10
CA THR B 53 -10.89 29.79 5.39
C THR B 53 -11.88 29.44 4.28
N LYS B 54 -13.14 29.84 4.47
CA LYS B 54 -14.14 29.71 3.40
C LYS B 54 -13.76 30.55 2.19
N ASP B 55 -13.16 31.72 2.43
CA ASP B 55 -12.72 32.60 1.37
C ASP B 55 -11.24 32.43 1.00
N ASP B 56 -10.70 31.20 1.13
CA ASP B 56 -9.41 30.82 0.55
C ASP B 56 -8.22 31.58 1.15
N GLN B 57 -8.32 31.92 2.43
CA GLN B 57 -7.24 32.55 3.17
C GLN B 57 -6.53 31.48 3.99
N LEU B 58 -5.20 31.45 3.88
CA LEU B 58 -4.41 30.52 4.69
C LEU B 58 -4.22 31.11 6.09
N VAL B 59 -4.63 30.33 7.09
CA VAL B 59 -4.57 30.74 8.49
C VAL B 59 -3.82 29.69 9.30
N VAL B 60 -3.21 30.14 10.39
CA VAL B 60 -2.23 29.35 11.12
C VAL B 60 -2.96 28.75 12.32
N ILE B 61 -3.42 27.51 12.16
CA ILE B 61 -4.15 26.82 13.22
C ILE B 61 -3.92 25.32 13.00
N HIS B 62 -4.03 24.53 14.07
CA HIS B 62 -3.72 23.12 13.91
C HIS B 62 -4.95 22.29 13.61
N ASN B 63 -5.98 22.37 14.45
CA ASN B 63 -7.18 21.58 14.23
C ASN B 63 -7.96 22.06 13.01
N ALA B 64 -8.91 21.23 12.60
CA ALA B 64 -9.86 21.60 11.57
C ALA B 64 -10.92 22.56 12.11
N THR B 65 -11.48 22.27 13.27
CA THR B 65 -12.41 23.14 13.96
C THR B 65 -11.67 24.10 14.88
N VAL B 66 -12.27 25.29 15.09
CA VAL B 66 -11.72 26.28 16.02
C VAL B 66 -12.12 26.04 17.46
N ASP B 67 -12.84 24.96 17.77
CA ASP B 67 -13.39 24.75 19.11
C ASP B 67 -12.29 24.79 20.16
N GLN B 68 -11.28 23.93 20.03
CA GLN B 68 -10.31 23.73 21.10
C GLN B 68 -9.60 25.02 21.49
N THR B 69 -9.03 25.74 20.52
CA THR B 69 -8.16 26.85 20.88
C THR B 69 -8.86 28.22 20.83
N THR B 70 -10.20 28.26 20.73
CA THR B 70 -10.89 29.55 20.74
C THR B 70 -12.23 29.47 21.44
N ASP B 71 -12.84 30.65 21.59
CA ASP B 71 -14.16 30.80 22.20
C ASP B 71 -15.27 30.26 21.30
N GLY B 72 -15.07 30.34 19.98
CA GLY B 72 -16.09 30.00 19.02
C GLY B 72 -16.13 28.53 18.66
N THR B 73 -16.78 28.24 17.53
CA THR B 73 -17.09 26.88 17.15
C THR B 73 -17.27 26.81 15.63
N GLY B 74 -16.91 25.65 15.06
CA GLY B 74 -17.03 25.40 13.63
C GLY B 74 -15.75 25.04 12.88
N LYS B 75 -15.89 24.36 11.74
CA LYS B 75 -14.73 24.09 10.88
C LYS B 75 -14.22 25.39 10.26
N VAL B 76 -12.89 25.49 10.15
CA VAL B 76 -12.24 26.67 9.59
C VAL B 76 -12.59 26.87 8.12
N ARG B 77 -12.85 25.78 7.37
CA ARG B 77 -13.21 25.96 5.96
C ARG B 77 -14.60 26.56 5.82
N ASP B 78 -15.44 26.45 6.86
CA ASP B 78 -16.80 26.97 6.85
C ASP B 78 -16.91 28.43 7.30
N LEU B 79 -15.85 29.03 7.83
CA LEU B 79 -15.93 30.41 8.27
C LEU B 79 -15.06 31.31 7.40
N THR B 80 -15.39 32.61 7.40
CA THR B 80 -14.61 33.60 6.69
C THR B 80 -13.36 33.94 7.49
N PHE B 81 -12.38 34.57 6.83
CA PHE B 81 -11.26 35.09 7.59
C PHE B 81 -11.75 36.05 8.67
N GLU B 82 -12.62 36.99 8.28
CA GLU B 82 -13.11 38.00 9.22
C GLU B 82 -13.89 37.37 10.36
N GLN B 83 -14.80 36.43 10.04
CA GLN B 83 -15.47 35.63 11.06
C GLN B 83 -14.48 34.97 12.01
N VAL B 84 -13.40 34.39 11.46
CA VAL B 84 -12.43 33.60 12.22
C VAL B 84 -11.46 34.49 12.98
N HIS B 85 -11.04 35.59 12.36
CA HIS B 85 -10.03 36.43 12.99
C HIS B 85 -10.49 37.04 14.30
N GLU B 86 -11.80 37.22 14.51
CA GLU B 86 -12.27 37.90 15.70
C GLU B 86 -12.30 37.01 16.94
N LEU B 87 -12.00 35.73 16.81
CA LEU B 87 -12.02 34.86 17.97
C LEU B 87 -10.80 35.07 18.85
N ASP B 88 -10.86 34.50 20.06
CA ASP B 88 -9.78 34.57 21.05
C ASP B 88 -8.93 33.31 20.92
N ALA B 89 -7.74 33.45 20.31
CA ALA B 89 -6.89 32.28 20.11
C ALA B 89 -6.09 31.92 21.37
N ALA B 90 -6.38 32.57 22.50
CA ALA B 90 -5.85 32.21 23.80
C ALA B 90 -6.93 31.70 24.74
N TYR B 91 -8.16 31.56 24.27
CA TYR B 91 -9.29 31.38 25.17
C TYR B 91 -9.17 30.15 26.05
N ASN B 92 -8.51 29.09 25.59
CA ASN B 92 -8.41 27.90 26.44
C ASN B 92 -6.95 27.53 26.77
N PHE B 93 -6.01 28.47 26.65
CA PHE B 93 -4.60 28.20 26.89
C PHE B 93 -4.28 28.25 28.39
N ILE B 94 -3.87 27.12 28.95
CA ILE B 94 -3.31 27.04 30.30
C ILE B 94 -1.83 26.70 30.17
N PRO B 95 -0.93 27.46 30.79
CA PRO B 95 0.49 27.11 30.70
C PRO B 95 0.75 25.73 31.31
N GLY B 96 1.55 24.94 30.60
CA GLY B 96 1.85 23.58 30.94
C GLY B 96 0.95 22.55 30.29
N ARG B 97 -0.18 22.98 29.74
CA ARG B 97 -1.19 22.02 29.31
C ARG B 97 -1.78 22.35 27.94
N HIS B 98 -1.20 23.29 27.20
CA HIS B 98 -1.67 23.66 25.86
C HIS B 98 -3.05 24.30 25.93
N ALA B 99 -4.07 23.63 25.38
CA ALA B 99 -5.42 24.19 25.29
C ALA B 99 -6.40 23.16 25.83
N VAL B 100 -7.01 23.46 26.97
CA VAL B 100 -7.97 22.58 27.61
C VAL B 100 -9.22 23.40 27.88
N PRO B 101 -10.35 23.09 27.25
CA PRO B 101 -11.57 23.84 27.51
C PRO B 101 -12.35 23.23 28.68
N GLY B 102 -13.20 24.06 29.26
CA GLY B 102 -14.11 23.58 30.29
C GLY B 102 -13.54 23.55 31.69
N GLU B 103 -12.49 24.32 31.95
CA GLU B 103 -11.86 24.42 33.26
C GLU B 103 -12.09 25.82 33.83
N PRO B 104 -12.03 25.98 35.16
CA PRO B 104 -12.46 27.25 35.79
C PRO B 104 -11.77 28.43 35.15
N PRO B 105 -12.52 29.50 34.86
CA PRO B 105 -12.00 30.56 33.98
C PRO B 105 -10.70 31.18 34.43
N GLU B 106 -10.33 31.12 35.71
CA GLU B 106 -9.10 31.80 36.09
C GLU B 106 -7.85 30.96 35.81
N SER B 107 -8.04 29.74 35.26
CA SER B 107 -6.90 28.94 34.83
C SER B 107 -6.20 29.55 33.62
N TYR B 108 -6.91 30.37 32.85
CA TYR B 108 -6.40 30.81 31.57
C TYR B 108 -5.85 32.20 31.68
N PRO B 109 -4.54 32.39 31.89
CA PRO B 109 -4.00 33.71 32.16
C PRO B 109 -4.07 34.68 30.98
N LEU B 110 -4.46 34.25 29.80
CA LEU B 110 -4.52 35.17 28.67
C LEU B 110 -5.90 35.21 28.01
N ARG B 111 -6.83 34.36 28.43
CA ARG B 111 -8.22 34.49 28.01
C ARG B 111 -8.69 35.92 28.17
N GLY B 112 -9.26 36.47 27.10
CA GLY B 112 -9.79 37.81 27.13
C GLY B 112 -8.84 38.88 26.65
N VAL B 113 -7.54 38.58 26.48
CA VAL B 113 -6.62 39.62 26.02
C VAL B 113 -7.02 40.12 24.64
N ARG B 114 -7.32 39.20 23.73
CA ARG B 114 -7.60 39.59 22.35
C ARG B 114 -8.90 40.37 22.25
N THR B 115 -9.93 39.92 22.98
CA THR B 115 -11.22 40.61 22.99
C THR B 115 -11.10 42.04 23.53
N GLY B 116 -10.47 42.22 24.69
CA GLY B 116 -10.23 43.53 25.27
C GLY B 116 -10.37 43.57 26.78
N GLU B 117 -11.00 42.53 27.35
CA GLU B 117 -11.26 42.41 28.78
C GLU B 117 -9.99 42.29 29.63
N LYS B 118 -8.81 42.23 29.03
CA LYS B 118 -7.59 42.04 29.81
C LYS B 118 -6.45 42.70 29.03
N LYS B 119 -5.68 43.52 29.71
CA LYS B 119 -4.65 44.23 28.98
C LYS B 119 -3.57 43.24 28.56
N PRO B 120 -2.98 43.43 27.40
CA PRO B 120 -2.02 42.44 26.90
C PRO B 120 -0.68 42.59 27.61
N PRO B 121 0.15 41.55 27.59
CA PRO B 121 1.55 41.68 28.03
C PRO B 121 2.23 42.84 27.35
N PRO B 122 3.25 43.41 27.99
CA PRO B 122 3.95 44.55 27.38
C PRO B 122 4.61 44.13 26.07
N GLY B 123 4.40 44.96 25.05
CA GLY B 123 4.98 44.77 23.74
C GLY B 123 4.02 44.24 22.69
N TYR B 124 2.81 43.83 23.08
CA TYR B 124 1.89 43.17 22.16
C TYR B 124 0.52 43.83 22.19
N GLN B 125 -0.25 43.58 21.13
CA GLN B 125 -1.58 44.13 20.89
C GLN B 125 -2.56 42.99 20.69
N PRO B 126 -3.86 43.21 20.95
CA PRO B 126 -4.81 42.07 20.97
C PRO B 126 -4.79 41.23 19.70
N SER B 127 -4.37 41.82 18.58
CA SER B 127 -4.27 41.07 17.34
C SER B 127 -3.24 39.95 17.45
N ASP B 128 -2.16 40.19 18.19
CA ASP B 128 -1.15 39.16 18.42
C ASP B 128 -1.69 37.92 19.11
N PHE B 129 -2.95 37.92 19.55
CA PHE B 129 -3.55 36.78 20.25
C PHE B 129 -4.70 36.17 19.47
N ALA B 130 -4.72 36.40 18.16
CA ALA B 130 -5.73 35.86 17.28
C ALA B 130 -5.11 34.82 16.34
N ILE B 131 -5.98 34.06 15.69
CA ILE B 131 -5.58 33.17 14.60
C ILE B 131 -5.05 33.99 13.43
N PRO B 132 -3.76 33.96 13.13
CA PRO B 132 -3.20 34.87 12.12
C PRO B 132 -3.20 34.31 10.71
N LYS B 133 -3.23 35.22 9.75
CA LYS B 133 -2.92 34.85 8.37
C LYS B 133 -1.50 34.33 8.33
N LEU B 134 -1.29 33.26 7.57
CA LEU B 134 0.08 32.88 7.31
C LEU B 134 0.88 34.02 6.69
N ALA B 135 0.24 34.83 5.84
CA ALA B 135 0.94 35.99 5.27
C ALA B 135 1.28 37.02 6.36
N ASP B 136 0.39 37.20 7.34
CA ASP B 136 0.73 38.05 8.47
C ASP B 136 2.00 37.56 9.14
N VAL B 137 2.08 36.25 9.41
CA VAL B 137 3.27 35.69 10.07
C VAL B 137 4.50 35.93 9.22
N LEU B 138 4.40 35.71 7.90
CA LEU B 138 5.57 35.86 7.02
C LEU B 138 6.09 37.29 7.01
N GLU B 139 5.18 38.27 7.08
CA GLU B 139 5.57 39.66 7.26
C GLU B 139 6.43 39.84 8.51
N ALA B 140 5.92 39.41 9.65
CA ALA B 140 6.59 39.65 10.92
C ALA B 140 7.93 38.95 11.03
N PHE B 141 8.21 37.95 10.20
CA PHE B 141 9.46 37.16 10.31
C PHE B 141 10.11 37.02 8.95
N PRO B 142 10.62 38.10 8.38
CA PRO B 142 11.24 38.00 7.05
C PRO B 142 12.53 37.21 7.05
N ARG B 143 13.26 37.15 8.17
CA ARG B 143 14.55 36.47 8.17
C ARG B 143 14.59 35.23 9.07
N THR B 144 13.43 34.76 9.54
CA THR B 144 13.35 33.55 10.36
C THR B 144 12.86 32.38 9.53
N PRO B 145 13.57 31.25 9.47
CA PRO B 145 13.04 30.06 8.77
C PRO B 145 11.73 29.60 9.39
N ILE B 146 10.86 29.02 8.57
CA ILE B 146 9.56 28.56 9.06
C ILE B 146 9.29 27.14 8.57
N ASN B 147 8.77 26.31 9.46
CA ASN B 147 8.40 24.93 9.17
C ASN B 147 6.88 24.91 9.09
N ILE B 148 6.34 24.51 7.94
CA ILE B 148 4.93 24.68 7.62
C ILE B 148 4.33 23.31 7.29
N GLU B 149 3.32 22.89 8.07
CA GLU B 149 2.62 21.65 7.84
C GLU B 149 1.26 21.95 7.21
N ILE B 150 1.05 21.38 6.04
CA ILE B 150 -0.24 21.42 5.36
C ILE B 150 -1.22 20.52 6.11
N LYS B 151 -2.25 21.11 6.70
CA LYS B 151 -3.29 20.32 7.34
C LYS B 151 -4.51 20.15 6.41
N GLY B 152 -5.51 19.42 6.90
CA GLY B 152 -6.73 19.20 6.13
C GLY B 152 -7.95 19.17 7.02
N THR B 153 -9.11 19.02 6.39
CA THR B 153 -10.37 19.08 7.13
C THR B 153 -10.65 17.80 7.90
N SER B 154 -10.37 16.64 7.30
CA SER B 154 -10.36 15.39 7.99
C SER B 154 -9.34 14.51 7.28
N ASP B 155 -9.09 13.33 7.83
CA ASP B 155 -8.04 12.48 7.25
C ASP B 155 -8.46 11.90 5.91
N ALA B 156 -9.78 11.82 5.66
CA ALA B 156 -10.33 11.28 4.42
C ALA B 156 -10.68 12.36 3.39
N ASP B 157 -10.62 13.63 3.76
CA ASP B 157 -10.88 14.73 2.83
C ASP B 157 -9.56 15.13 2.17
N ILE B 158 -9.09 14.25 1.31
CA ILE B 158 -7.87 14.51 0.53
C ILE B 158 -7.99 15.80 -0.28
N PRO B 159 -9.13 16.15 -0.89
CA PRO B 159 -9.19 17.45 -1.59
C PRO B 159 -8.83 18.63 -0.71
N SER B 160 -9.24 18.61 0.56
CA SER B 160 -8.94 19.73 1.44
C SER B 160 -7.44 19.89 1.63
N PHE B 161 -6.71 18.78 1.75
CA PHE B 161 -5.25 18.85 1.78
C PHE B 161 -4.71 19.47 0.51
N LEU B 162 -5.22 19.02 -0.64
CA LEU B 162 -4.68 19.51 -1.90
C LEU B 162 -5.01 20.99 -2.10
N HIS B 163 -6.22 21.40 -1.70
CA HIS B 163 -6.57 22.82 -1.74
C HIS B 163 -5.52 23.64 -1.00
N ASN B 164 -5.33 23.34 0.30
CA ASN B 164 -4.34 24.04 1.12
C ASN B 164 -2.94 23.96 0.51
N ALA B 165 -2.63 22.84 -0.14
CA ALA B 165 -1.35 22.73 -0.83
C ALA B 165 -1.23 23.76 -1.94
N LYS B 166 -2.28 23.87 -2.78
CA LYS B 166 -2.28 24.87 -3.85
C LYS B 166 -2.16 26.29 -3.28
N LEU B 167 -2.99 26.62 -2.29
CA LEU B 167 -2.86 27.95 -1.68
C LEU B 167 -1.45 28.17 -1.14
N LEU B 168 -0.85 27.14 -0.55
CA LEU B 168 0.44 27.36 0.07
C LEU B 168 1.53 27.60 -0.96
N ALA B 169 1.52 26.83 -2.05
CA ALA B 169 2.54 27.01 -3.09
C ALA B 169 2.46 28.42 -3.69
N ARG B 170 1.25 28.94 -3.89
CA ARG B 170 1.11 30.27 -4.48
C ARG B 170 1.73 31.33 -3.56
N LEU B 171 1.34 31.33 -2.28
CA LEU B 171 1.81 32.37 -1.35
C LEU B 171 3.32 32.27 -1.12
N LEU B 172 3.83 31.05 -0.97
CA LEU B 172 5.26 30.93 -0.70
C LEU B 172 6.09 31.33 -1.90
N LYS B 173 5.61 31.10 -3.12
CA LYS B 173 6.36 31.54 -4.30
C LYS B 173 6.39 33.06 -4.42
N LYS B 174 5.29 33.75 -4.04
CA LYS B 174 5.23 35.21 -4.14
C LYS B 174 6.28 35.89 -3.26
N THR B 175 6.61 35.30 -2.10
CA THR B 175 7.63 35.89 -1.24
C THR B 175 9.03 35.75 -1.83
N GLY B 176 9.26 34.72 -2.64
CA GLY B 176 10.58 34.42 -3.15
C GLY B 176 11.55 33.80 -2.17
N ARG B 177 11.15 33.53 -0.93
CA ARG B 177 12.07 32.93 0.03
C ARG B 177 12.11 31.40 -0.12
N THR B 178 13.26 30.82 0.20
CA THR B 178 13.35 29.37 0.23
C THR B 178 13.75 28.84 1.61
N ASP B 179 13.81 29.69 2.63
CA ASP B 179 14.12 29.25 3.99
C ASP B 179 12.89 28.68 4.68
N PHE B 180 12.24 27.69 4.07
CA PHE B 180 11.11 26.98 4.66
C PHE B 180 11.34 25.48 4.54
N ILE B 181 10.57 24.72 5.32
CA ILE B 181 10.40 23.29 5.12
C ILE B 181 8.90 23.03 5.16
N VAL B 182 8.36 22.52 4.05
CA VAL B 182 6.94 22.29 3.92
C VAL B 182 6.72 20.79 3.97
N THR B 183 5.69 20.37 4.68
CA THR B 183 5.44 18.96 4.87
C THR B 183 3.96 18.77 5.16
N SER B 184 3.55 17.50 5.24
CA SER B 184 2.19 17.15 5.61
C SER B 184 2.18 15.67 5.89
N LEU B 185 1.34 15.26 6.84
CA LEU B 185 1.19 13.83 7.05
C LEU B 185 0.68 13.17 5.76
N ASN B 186 0.03 13.95 4.91
CA ASN B 186 -0.52 13.45 3.64
C ASN B 186 0.53 13.60 2.54
N ASP B 187 0.94 12.46 1.97
CA ASP B 187 2.01 12.48 0.97
C ASP B 187 1.56 13.10 -0.32
N LEU B 188 0.29 12.92 -0.66
CA LEU B 188 -0.25 13.54 -1.86
C LEU B 188 -0.15 15.05 -1.78
N ALA B 189 -0.39 15.61 -0.59
CA ALA B 189 -0.23 17.06 -0.42
C ALA B 189 1.21 17.50 -0.56
N VAL B 190 2.16 16.68 -0.10
CA VAL B 190 3.57 17.02 -0.28
C VAL B 190 3.94 16.94 -1.75
N ALA B 191 3.55 15.85 -2.41
CA ALA B 191 3.85 15.66 -3.83
C ALA B 191 3.31 16.82 -4.67
N LYS B 192 2.02 17.13 -4.52
CA LYS B 192 1.45 18.24 -5.28
C LYS B 192 2.15 19.56 -4.98
N PHE B 193 2.31 19.89 -3.70
CA PHE B 193 3.03 21.10 -3.34
C PHE B 193 4.39 21.15 -4.03
N HIS B 194 5.14 20.04 -3.97
CA HIS B 194 6.46 20.04 -4.58
C HIS B 194 6.40 20.28 -6.07
N LEU B 195 5.29 19.89 -6.72
CA LEU B 195 5.13 20.17 -8.14
C LEU B 195 4.97 21.67 -8.36
N LEU B 196 4.09 22.29 -7.57
CA LEU B 196 3.80 23.70 -7.78
C LEU B 196 4.95 24.61 -7.38
N ALA B 197 5.81 24.19 -6.45
CA ALA B 197 6.87 25.07 -5.91
C ALA B 197 8.15 24.27 -5.68
N PRO B 198 8.84 23.91 -6.76
CA PRO B 198 9.89 22.89 -6.65
C PRO B 198 11.18 23.37 -6.00
N ASP B 199 11.31 24.66 -5.69
CA ASP B 199 12.52 25.17 -5.06
C ASP B 199 12.42 25.25 -3.54
N ILE B 200 11.24 25.03 -2.98
CA ILE B 200 11.03 25.10 -1.54
C ILE B 200 11.31 23.74 -0.91
N PRO B 201 12.13 23.69 0.14
CA PRO B 201 12.47 22.41 0.78
C PRO B 201 11.23 21.76 1.40
N ILE B 202 11.19 20.43 1.32
CA ILE B 202 10.07 19.66 1.81
C ILE B 202 10.57 18.59 2.77
N ALA B 203 9.62 17.94 3.44
CA ALA B 203 9.94 16.74 4.22
C ALA B 203 8.85 15.70 3.99
N PRO B 204 9.20 14.42 3.94
CA PRO B 204 8.22 13.39 3.60
C PRO B 204 6.99 13.38 4.50
N GLY B 205 5.89 12.91 3.94
CA GLY B 205 4.72 12.58 4.71
C GLY B 205 4.82 11.14 5.17
N MET B 206 3.71 10.64 5.71
CA MET B 206 3.89 9.45 6.52
C MET B 206 4.13 8.20 5.68
N ALA B 207 3.66 8.13 4.44
CA ALA B 207 3.97 6.93 3.67
C ALA B 207 5.41 6.99 3.16
N GLY B 208 5.93 8.19 2.92
CA GLY B 208 7.32 8.28 2.52
C GLY B 208 8.29 7.94 3.64
N LEU B 209 7.98 8.41 4.85
CA LEU B 209 8.74 7.97 6.03
C LEU B 209 8.71 6.45 6.17
N ALA B 210 7.52 5.85 6.12
CA ALA B 210 7.44 4.40 6.30
C ALA B 210 8.25 3.67 5.24
N ALA B 211 8.23 4.15 3.99
CA ALA B 211 8.97 3.44 2.95
C ALA B 211 10.47 3.63 3.13
N TYR B 212 10.89 4.74 3.72
CA TYR B 212 12.31 4.91 3.97
C TYR B 212 12.77 4.02 5.12
N PHE B 213 12.07 4.11 6.25
CA PHE B 213 12.42 3.30 7.40
C PHE B 213 12.41 1.82 7.05
N LEU B 214 11.39 1.37 6.34
CA LEU B 214 11.16 -0.06 6.19
C LEU B 214 11.82 -0.65 4.94
N LEU B 215 11.94 0.10 3.84
CA LEU B 215 12.54 -0.49 2.66
C LEU B 215 13.65 0.35 2.03
N GLY B 216 14.04 1.47 2.65
CA GLY B 216 15.13 2.26 2.12
C GLY B 216 14.75 3.19 1.00
N VAL B 217 13.46 3.24 0.63
CA VAL B 217 13.01 4.14 -0.42
C VAL B 217 13.36 5.57 -0.05
N LYS B 218 14.09 6.25 -0.90
CA LYS B 218 14.53 7.58 -0.51
C LYS B 218 13.37 8.57 -0.69
N PRO B 219 13.14 9.48 0.27
CA PRO B 219 11.97 10.37 0.22
C PRO B 219 11.94 11.22 -1.03
N MET B 220 10.79 11.87 -1.25
CA MET B 220 10.56 12.64 -2.47
C MET B 220 11.73 13.58 -2.78
N HIS B 221 12.08 13.67 -4.06
CA HIS B 221 12.99 14.70 -4.53
C HIS B 221 12.68 16.04 -3.86
N GLY B 222 13.74 16.73 -3.42
CA GLY B 222 13.59 17.98 -2.73
C GLY B 222 13.56 17.89 -1.20
N THR B 223 13.54 16.67 -0.66
CA THR B 223 13.50 16.50 0.79
C THR B 223 14.84 16.87 1.40
N VAL B 224 14.83 17.77 2.38
CA VAL B 224 16.05 18.16 3.08
C VAL B 224 16.14 17.57 4.47
N ALA B 225 15.05 17.02 5.01
CA ALA B 225 15.02 16.57 6.38
C ALA B 225 13.93 15.53 6.56
N LEU B 226 14.22 14.50 7.33
CA LEU B 226 13.19 13.61 7.81
C LEU B 226 12.68 14.19 9.11
N GLN B 227 11.38 14.47 9.18
CA GLN B 227 10.78 15.00 10.40
C GLN B 227 9.91 13.92 11.02
N ILE B 228 10.32 13.44 12.18
CA ILE B 228 9.85 12.18 12.78
C ILE B 228 9.41 12.36 14.22
N PRO B 229 8.39 11.66 14.69
CA PRO B 229 8.13 11.60 16.13
C PRO B 229 9.26 10.83 16.81
N VAL B 230 9.35 10.98 18.13
CA VAL B 230 10.31 10.18 18.90
C VAL B 230 10.05 8.70 18.70
N ARG B 231 8.81 8.30 18.89
CA ARG B 231 8.42 6.91 18.97
C ARG B 231 7.07 6.79 18.29
N TYR B 232 6.86 5.68 17.59
CA TYR B 232 5.62 5.50 16.84
C TYR B 232 5.13 4.09 17.06
N GLN B 233 3.87 3.99 17.49
CA GLN B 233 3.20 2.73 17.80
C GLN B 233 4.17 1.68 18.36
N GLY B 234 4.82 2.06 19.46
CA GLY B 234 5.69 1.16 20.20
C GLY B 234 7.06 0.94 19.61
N LEU B 235 7.41 1.63 18.54
CA LEU B 235 8.66 1.37 17.83
C LEU B 235 9.50 2.64 17.87
N GLU B 236 10.60 2.59 18.61
CA GLU B 236 11.47 3.75 18.74
C GLU B 236 12.02 4.18 17.38
N ILE B 237 11.82 5.44 17.05
CA ILE B 237 12.20 5.98 15.75
C ILE B 237 13.46 6.82 15.84
N ALA B 238 13.47 7.78 16.76
CA ALA B 238 14.55 8.77 16.79
C ALA B 238 15.75 8.26 17.59
N THR B 239 16.26 7.11 17.16
CA THR B 239 17.40 6.43 17.75
C THR B 239 18.68 6.96 17.14
N PRO B 240 19.83 6.76 17.80
CA PRO B 240 21.07 7.29 17.23
C PRO B 240 21.41 6.61 15.93
N GLU B 241 21.08 5.33 15.79
CA GLU B 241 21.42 4.60 14.57
C GLU B 241 20.55 5.05 13.40
N PHE B 242 19.26 5.28 13.64
CA PHE B 242 18.42 5.83 12.58
C PHE B 242 18.96 7.17 12.14
N ILE B 243 19.23 8.05 13.08
CA ILE B 243 19.73 9.36 12.71
C ILE B 243 21.08 9.24 12.01
N ARG B 244 21.88 8.26 12.40
CA ARG B 244 23.16 7.99 11.76
C ARG B 244 22.95 7.65 10.29
N ARG B 245 22.07 6.66 10.04
CA ARG B 245 21.76 6.26 8.67
C ARG B 245 21.18 7.42 7.87
N ALA B 246 20.21 8.15 8.44
CA ALA B 246 19.66 9.30 7.73
C ALA B 246 20.73 10.31 7.37
N HIS B 247 21.64 10.58 8.31
CA HIS B 247 22.75 11.49 8.00
C HIS B 247 23.61 10.93 6.87
N ALA B 248 23.77 9.60 6.84
CA ALA B 248 24.54 8.99 5.76
C ALA B 248 23.89 9.25 4.40
N ASP B 249 22.55 9.28 4.36
CA ASP B 249 21.81 9.52 3.11
C ASP B 249 21.70 11.00 2.78
N GLY B 250 22.08 11.88 3.69
CA GLY B 250 22.10 13.29 3.41
C GLY B 250 20.91 14.06 3.91
N TYR B 251 20.10 13.46 4.77
CA TYR B 251 18.91 14.10 5.31
C TYR B 251 19.18 14.57 6.74
N ALA B 252 18.86 15.83 7.02
CA ALA B 252 18.73 16.28 8.40
C ALA B 252 17.62 15.49 9.07
N VAL B 253 17.67 15.38 10.39
CA VAL B 253 16.59 14.78 11.16
C VAL B 253 16.11 15.78 12.20
N HIS B 254 14.80 15.97 12.25
CA HIS B 254 14.12 16.88 13.19
C HIS B 254 13.06 16.09 13.94
N VAL B 255 13.11 16.13 15.25
CA VAL B 255 12.29 15.25 16.08
C VAL B 255 11.19 16.06 16.73
N TRP B 256 10.01 15.47 16.84
CA TRP B 256 8.92 16.15 17.53
C TRP B 256 8.30 15.19 18.54
N PHE B 257 7.52 15.75 19.43
CA PHE B 257 7.13 15.01 20.61
C PHE B 257 5.63 14.78 20.57
N SER B 258 4.85 15.78 21.02
CA SER B 258 3.41 15.80 20.79
C SER B 258 2.74 14.47 21.13
N GLY B 259 3.01 13.98 22.33
CA GLY B 259 2.33 12.81 22.85
C GLY B 259 3.05 11.50 22.63
N THR B 260 3.98 11.44 21.68
CA THR B 260 4.71 10.20 21.47
C THR B 260 5.73 9.97 22.57
N ALA B 261 6.21 11.05 23.18
CA ALA B 261 7.20 11.04 24.25
C ALA B 261 7.05 12.35 25.01
N PRO B 262 7.46 12.40 26.28
CA PRO B 262 7.18 13.61 27.07
C PRO B 262 7.92 14.82 26.52
N ASP B 263 7.32 16.00 26.71
CA ASP B 263 8.06 17.25 26.57
C ASP B 263 8.69 17.52 27.93
N ASP B 264 9.94 17.09 28.12
CA ASP B 264 10.63 17.28 29.38
C ASP B 264 12.13 17.30 29.18
N GLU B 265 12.84 17.70 30.24
CA GLU B 265 14.29 17.86 30.16
C GLU B 265 14.99 16.56 29.76
N ALA B 266 14.63 15.45 30.40
CA ALA B 266 15.30 14.18 30.09
C ALA B 266 15.12 13.81 28.62
N THR B 267 13.89 13.90 28.10
CA THR B 267 13.66 13.49 26.72
C THR B 267 14.37 14.41 25.74
N TYR B 268 14.38 15.72 25.99
CA TYR B 268 15.11 16.62 25.09
C TYR B 268 16.60 16.27 25.07
N ASN B 269 17.17 15.93 26.22
CA ASN B 269 18.61 15.64 26.29
C ASN B 269 18.93 14.35 25.52
N ARG B 270 18.13 13.30 25.72
CA ARG B 270 18.28 12.09 24.92
C ARG B 270 18.27 12.41 23.42
N ILE B 271 17.30 13.21 22.97
CA ILE B 271 17.19 13.47 21.54
C ILE B 271 18.36 14.32 21.05
N ILE B 272 18.84 15.26 21.87
CA ILE B 272 20.06 15.99 21.49
C ILE B 272 21.23 15.02 21.40
N ASP B 273 21.34 14.13 22.38
CA ASP B 273 22.43 13.18 22.44
C ASP B 273 22.39 12.19 21.30
N SER B 274 21.22 12.02 20.66
CA SER B 274 21.07 11.09 19.54
C SER B 274 21.45 11.67 18.18
N CYS B 275 21.84 12.95 18.14
CA CYS B 275 22.43 13.67 17.00
C CYS B 275 21.38 14.34 16.14
N ALA B 276 20.12 14.37 16.60
CA ALA B 276 19.07 15.10 15.90
C ALA B 276 19.52 16.52 15.62
N ASP B 277 19.18 17.04 14.44
CA ASP B 277 19.65 18.36 14.07
C ASP B 277 18.73 19.44 14.55
N GLY B 278 17.49 19.08 14.89
CA GLY B 278 16.53 20.01 15.44
C GLY B 278 15.52 19.26 16.27
N LEU B 279 15.01 19.96 17.29
CA LEU B 279 13.92 19.47 18.12
C LEU B 279 12.78 20.47 18.02
N MET B 280 11.55 19.97 18.09
CA MET B 280 10.38 20.82 18.04
C MET B 280 9.68 20.71 19.39
N PRO B 281 10.08 21.49 20.37
CA PRO B 281 9.53 21.36 21.73
C PRO B 281 8.28 22.16 21.95
N ALA B 282 7.37 21.61 22.76
CA ALA B 282 6.31 22.43 23.34
C ALA B 282 6.83 23.42 24.38
N TYR B 283 8.08 23.25 24.86
CA TYR B 283 8.72 24.17 25.80
C TYR B 283 10.00 24.74 25.18
N PRO B 284 9.88 25.62 24.17
CA PRO B 284 11.10 26.18 23.55
C PRO B 284 12.05 26.85 24.53
N ALA B 285 11.52 27.56 25.54
CA ALA B 285 12.39 28.25 26.50
C ALA B 285 13.22 27.24 27.28
N LEU B 286 12.54 26.24 27.85
CA LEU B 286 13.22 25.12 28.49
C LEU B 286 14.36 24.59 27.62
N LEU B 287 14.04 24.22 26.38
CA LEU B 287 15.06 23.66 25.49
C LEU B 287 16.22 24.63 25.30
N GLU B 288 15.92 25.89 25.02
CA GLU B 288 16.99 26.87 24.85
C GLU B 288 17.87 26.92 26.09
N ARG B 289 17.23 26.95 27.27
CA ARG B 289 17.96 26.92 28.52
C ARG B 289 18.91 25.74 28.59
N ILE B 290 18.45 24.55 28.17
CA ILE B 290 19.27 23.34 28.18
C ILE B 290 20.41 23.45 27.17
N LEU B 291 20.13 24.03 26.01
CA LEU B 291 21.15 24.15 24.97
C LEU B 291 22.27 25.09 25.42
N ASP B 292 21.91 26.28 25.92
CA ASP B 292 22.89 27.24 26.44
C ASP B 292 23.77 26.61 27.50
N GLU B 293 23.15 25.98 28.50
CA GLU B 293 23.88 25.43 29.63
C GLU B 293 24.88 24.38 29.19
N ARG B 294 24.46 23.45 28.33
CA ARG B 294 25.39 22.45 27.83
C ARG B 294 26.31 23.01 26.74
N GLY B 295 26.10 24.25 26.31
CA GLY B 295 26.98 24.88 25.33
C GLY B 295 27.00 24.17 24.00
N ILE B 296 25.85 23.59 23.61
CA ILE B 296 25.76 22.80 22.39
C ILE B 296 25.94 23.68 21.17
N GLU B 297 26.49 23.10 20.10
CA GLU B 297 26.67 23.85 18.87
C GLU B 297 25.33 24.31 18.33
N ARG B 298 25.30 25.53 17.83
CA ARG B 298 24.13 26.16 17.24
C ARG B 298 24.50 26.68 15.87
N PRO B 299 23.53 26.89 14.99
CA PRO B 299 23.83 27.44 13.66
C PRO B 299 24.47 28.81 13.80
N GLY B 300 25.70 28.93 13.30
CA GLY B 300 26.46 30.15 13.39
C GLY B 300 27.31 30.30 14.65
N ARG B 301 26.99 29.56 15.72
CA ARG B 301 27.69 29.65 16.99
C ARG B 301 28.22 28.27 17.33
N PRO B 302 29.44 27.94 16.89
CA PRO B 302 30.00 26.61 17.16
C PRO B 302 30.15 26.34 18.65
N GLY B 303 30.36 25.06 18.95
CA GLY B 303 30.34 24.60 20.33
C GLY B 303 30.44 23.09 20.36
N VAL B 304 30.03 22.52 21.50
CA VAL B 304 30.21 21.10 21.72
C VAL B 304 29.26 20.31 20.81
N ASP B 305 29.72 19.14 20.35
CA ASP B 305 28.92 18.22 19.55
C ASP B 305 28.47 17.05 20.42
N PRO B 306 27.17 16.86 20.66
CA PRO B 306 26.71 15.82 21.59
C PRO B 306 26.77 14.40 21.05
N CYS B 307 27.57 14.15 20.02
CA CYS B 307 27.52 12.87 19.34
C CYS B 307 28.67 11.93 19.74
N ASP C 7 33.31 -2.93 -4.70
CA ASP C 7 32.28 -3.78 -5.29
C ASP C 7 31.65 -4.73 -4.27
N ASN C 8 30.79 -5.62 -4.80
CA ASN C 8 30.04 -6.58 -4.00
C ASN C 8 30.76 -7.92 -4.03
N PRO C 9 31.42 -8.33 -2.94
CA PRO C 9 32.16 -9.60 -2.94
C PRO C 9 31.29 -10.80 -3.26
N TRP C 10 30.07 -10.86 -2.74
CA TRP C 10 29.23 -12.03 -2.92
C TRP C 10 28.91 -12.32 -4.36
N LEU C 11 29.13 -11.39 -5.29
CA LEU C 11 28.93 -11.75 -6.69
C LEU C 11 30.02 -12.67 -7.20
N ASP C 12 31.13 -12.80 -6.47
CA ASP C 12 32.20 -13.71 -6.82
C ASP C 12 32.18 -14.98 -5.97
N ALA C 13 31.45 -15.00 -4.87
CA ALA C 13 31.19 -16.23 -4.12
C ALA C 13 30.11 -17.06 -4.84
N ARG C 14 30.49 -17.57 -6.01
CA ARG C 14 29.66 -18.50 -6.77
C ARG C 14 30.52 -19.67 -7.22
N VAL C 15 29.90 -20.83 -7.42
CA VAL C 15 28.53 -21.17 -7.11
C VAL C 15 28.49 -21.86 -5.77
N LEU C 16 27.55 -21.49 -4.90
CA LEU C 16 27.54 -21.93 -3.51
C LEU C 16 26.61 -23.09 -3.31
N ASN C 17 27.10 -24.11 -2.61
CA ASN C 17 26.28 -25.16 -2.03
C ASN C 17 25.91 -24.68 -0.61
N MET C 18 24.65 -24.25 -0.43
CA MET C 18 24.18 -23.70 0.85
C MET C 18 23.24 -24.70 1.52
N ALA C 19 23.78 -25.51 2.42
CA ALA C 19 22.96 -26.57 3.00
C ALA C 19 21.73 -26.00 3.69
N HIS C 20 20.55 -26.32 3.16
CA HIS C 20 19.30 -25.77 3.67
C HIS C 20 18.99 -26.44 5.00
N ALA C 21 19.26 -25.74 6.12
CA ALA C 21 19.19 -26.33 7.46
C ALA C 21 20.04 -27.60 7.56
N GLY C 22 21.18 -27.62 6.87
CA GLY C 22 22.02 -28.78 6.78
C GLY C 22 21.65 -29.76 5.69
N GLY C 23 20.48 -29.61 5.09
CA GLY C 23 20.00 -30.58 4.12
C GLY C 23 18.93 -31.43 4.77
N GLU C 24 17.73 -30.87 4.95
CA GLU C 24 16.69 -31.50 5.78
C GLU C 24 16.26 -32.84 5.25
N ASN C 25 16.61 -33.17 4.00
CA ASN C 25 16.27 -34.46 3.42
C ASN C 25 17.39 -35.50 3.49
N GLU C 26 18.61 -35.08 3.84
CA GLU C 26 19.72 -36.00 4.03
C GLU C 26 20.05 -36.23 5.50
N ALA C 27 19.54 -35.39 6.39
CA ALA C 27 19.98 -35.35 7.78
C ALA C 27 18.96 -34.54 8.56
N PRO C 28 18.84 -34.76 9.87
CA PRO C 28 17.80 -34.03 10.63
C PRO C 28 18.09 -32.54 10.62
N ALA C 29 17.04 -31.75 10.38
CA ALA C 29 17.22 -30.35 10.07
C ALA C 29 17.61 -29.51 11.29
N ASN C 30 18.51 -28.56 11.05
CA ASN C 30 18.98 -27.59 12.05
C ASN C 30 19.54 -28.28 13.28
N THR C 31 20.40 -29.28 13.04
CA THR C 31 21.17 -29.96 14.07
C THR C 31 22.65 -29.84 13.76
N LEU C 32 23.46 -29.73 14.82
CA LEU C 32 24.90 -29.73 14.65
C LEU C 32 25.37 -30.92 13.83
N TYR C 33 24.72 -32.06 14.00
CA TYR C 33 24.98 -33.20 13.12
C TYR C 33 24.86 -32.80 11.65
N ALA C 34 23.67 -32.33 11.24
CA ALA C 34 23.46 -32.06 9.82
C ALA C 34 24.45 -31.03 9.31
N PHE C 35 24.71 -29.98 10.10
CA PHE C 35 25.65 -28.95 9.69
C PHE C 35 27.05 -29.52 9.46
N LYS C 36 27.63 -30.14 10.50
CA LYS C 36 28.93 -30.79 10.37
C LYS C 36 28.97 -31.74 9.18
N ARG C 37 27.97 -32.59 9.06
CA ARG C 37 27.98 -33.56 7.97
C ARG C 37 28.02 -32.88 6.60
N ALA C 38 27.29 -31.77 6.46
CA ALA C 38 27.14 -31.16 5.14
C ALA C 38 28.40 -30.41 4.71
N VAL C 39 29.09 -29.77 5.66
CA VAL C 39 30.32 -29.07 5.30
C VAL C 39 31.38 -30.06 4.83
N LYS C 40 31.51 -31.21 5.52
CA LYS C 40 32.47 -32.22 5.12
C LYS C 40 32.16 -32.77 3.73
N LEU C 41 30.87 -32.99 3.44
CA LEU C 41 30.48 -33.39 2.10
C LEU C 41 30.53 -32.24 1.12
N GLY C 42 31.02 -31.08 1.54
CA GLY C 42 31.47 -30.03 0.62
C GLY C 42 30.68 -28.74 0.59
N ALA C 43 29.65 -28.56 1.43
CA ALA C 43 28.87 -27.33 1.42
C ALA C 43 29.74 -26.15 1.82
N ASN C 44 29.59 -25.01 1.12
CA ASN C 44 30.40 -23.83 1.39
C ASN C 44 29.83 -22.95 2.49
N MET C 45 28.56 -23.14 2.82
CA MET C 45 27.82 -22.19 3.66
C MET C 45 26.66 -22.95 4.29
N LEU C 46 26.29 -22.55 5.50
CA LEU C 46 25.13 -23.11 6.18
C LEU C 46 23.95 -22.15 6.09
N GLU C 47 22.74 -22.68 5.85
CA GLU C 47 21.52 -21.91 5.92
C GLU C 47 20.71 -22.39 7.12
N LEU C 48 20.23 -21.47 7.95
CA LEU C 48 19.53 -21.88 9.17
C LEU C 48 18.53 -20.83 9.63
N ASP C 49 17.61 -21.27 10.48
CA ASP C 49 16.58 -20.45 11.10
C ASP C 49 16.85 -20.31 12.61
N VAL C 50 16.41 -19.19 13.19
CA VAL C 50 16.55 -18.95 14.63
C VAL C 50 15.22 -18.51 15.24
N GLN C 51 14.92 -19.05 16.40
CA GLN C 51 13.87 -18.55 17.27
C GLN C 51 14.53 -18.15 18.59
N SER C 52 13.73 -17.82 19.58
CA SER C 52 14.28 -17.51 20.88
C SER C 52 13.43 -18.17 21.96
N THR C 53 14.09 -18.53 23.05
CA THR C 53 13.51 -19.26 24.17
C THR C 53 13.02 -18.30 25.24
N LYS C 54 12.15 -18.82 26.10
CA LYS C 54 11.64 -18.09 27.26
C LYS C 54 12.73 -17.29 27.96
N ASP C 55 13.94 -17.84 28.02
CA ASP C 55 15.07 -17.17 28.66
C ASP C 55 16.02 -16.52 27.65
N ASP C 56 15.49 -16.07 26.50
CA ASP C 56 16.18 -15.13 25.60
C ASP C 56 17.45 -15.72 24.98
N GLN C 57 17.41 -16.99 24.59
CA GLN C 57 18.55 -17.61 23.95
C GLN C 57 18.17 -17.98 22.52
N LEU C 58 18.98 -17.57 21.56
CA LEU C 58 18.72 -17.93 20.18
C LEU C 58 19.04 -19.39 19.98
N VAL C 59 18.05 -20.13 19.50
CA VAL C 59 18.12 -21.55 19.18
C VAL C 59 17.94 -21.68 17.68
N VAL C 60 18.43 -22.77 17.12
CA VAL C 60 18.36 -22.99 15.68
C VAL C 60 17.26 -24.02 15.41
N ILE C 61 16.09 -23.51 15.03
CA ILE C 61 14.92 -24.33 14.75
C ILE C 61 14.01 -23.52 13.82
N HIS C 62 13.21 -24.22 13.02
CA HIS C 62 12.35 -23.56 12.01
C HIS C 62 10.98 -23.14 12.53
N ASN C 63 10.11 -24.12 12.83
CA ASN C 63 8.77 -23.80 13.33
C ASN C 63 8.87 -23.04 14.66
N ALA C 64 7.74 -22.48 15.06
CA ALA C 64 7.64 -21.87 16.38
C ALA C 64 7.33 -22.89 17.45
N THR C 65 6.84 -24.07 17.06
CA THR C 65 6.59 -25.18 17.96
C THR C 65 7.61 -26.29 17.70
N VAL C 66 7.97 -27.00 18.76
CA VAL C 66 8.99 -28.05 18.69
C VAL C 66 8.38 -29.35 18.17
N ASP C 67 7.11 -29.30 17.78
CA ASP C 67 6.33 -30.52 17.65
C ASP C 67 6.73 -31.34 16.43
N GLN C 68 6.88 -30.71 15.27
CA GLN C 68 7.14 -31.48 14.06
C GLN C 68 8.50 -32.17 14.13
N THR C 69 9.51 -31.45 14.60
CA THR C 69 10.89 -31.84 14.43
C THR C 69 11.45 -32.65 15.62
N THR C 70 10.83 -32.57 16.80
CA THR C 70 11.29 -33.35 17.96
C THR C 70 10.22 -34.24 18.60
N ASP C 71 10.41 -34.52 19.90
CA ASP C 71 9.52 -35.38 20.68
C ASP C 71 8.54 -34.62 21.56
N GLY C 72 8.89 -33.42 22.01
CA GLY C 72 8.06 -32.67 22.92
C GLY C 72 7.08 -31.79 22.17
N THR C 73 6.49 -30.85 22.91
CA THR C 73 5.50 -29.94 22.34
C THR C 73 5.62 -28.59 23.00
N GLY C 74 5.15 -27.55 22.29
CA GLY C 74 5.08 -26.19 22.82
C GLY C 74 5.80 -25.16 21.97
N LYS C 75 5.52 -23.88 22.21
CA LYS C 75 6.22 -22.84 21.47
C LYS C 75 7.57 -22.57 22.10
N VAL C 76 8.62 -22.53 21.27
CA VAL C 76 9.98 -22.30 21.72
C VAL C 76 10.08 -21.06 22.60
N ARG C 77 9.19 -20.09 22.42
CA ARG C 77 9.17 -18.93 23.31
C ARG C 77 8.60 -19.29 24.68
N ASP C 78 7.91 -20.43 24.80
CA ASP C 78 7.38 -20.89 26.08
C ASP C 78 8.38 -21.75 26.85
N LEU C 79 9.32 -22.40 26.16
CA LEU C 79 10.26 -23.30 26.82
C LEU C 79 11.60 -22.61 27.05
N THR C 80 12.21 -22.93 28.19
CA THR C 80 13.57 -22.49 28.47
C THR C 80 14.55 -23.28 27.62
N PHE C 81 15.76 -22.71 27.44
CA PHE C 81 16.74 -23.44 26.64
C PHE C 81 17.01 -24.81 27.23
N GLU C 82 17.13 -24.87 28.56
CA GLU C 82 17.23 -26.15 29.26
C GLU C 82 16.20 -27.15 28.76
N GLN C 83 14.92 -26.81 28.88
CA GLN C 83 13.88 -27.70 28.40
C GLN C 83 14.05 -28.00 26.92
N VAL C 84 14.48 -27.01 26.14
CA VAL C 84 14.61 -27.18 24.69
C VAL C 84 15.74 -28.15 24.36
N HIS C 85 16.88 -28.02 25.03
CA HIS C 85 18.06 -28.80 24.65
C HIS C 85 17.78 -30.30 24.74
N GLU C 86 17.17 -30.74 25.84
CA GLU C 86 17.05 -32.17 26.09
C GLU C 86 16.21 -32.92 25.06
N LEU C 87 15.44 -32.22 24.23
CA LEU C 87 14.56 -32.94 23.31
C LEU C 87 15.31 -33.39 22.06
N ASP C 88 14.78 -34.46 21.47
CA ASP C 88 15.42 -35.21 20.39
C ASP C 88 15.09 -34.55 19.05
N ALA C 89 15.99 -33.70 18.56
CA ALA C 89 15.76 -32.96 17.31
C ALA C 89 15.92 -33.83 16.07
N ALA C 90 16.12 -35.13 16.21
CA ALA C 90 16.03 -36.06 15.11
C ALA C 90 14.83 -36.98 15.28
N TYR C 91 13.96 -36.68 16.25
CA TYR C 91 12.91 -37.61 16.63
C TYR C 91 12.09 -38.00 15.42
N ASN C 92 11.75 -37.04 14.56
CA ASN C 92 10.92 -37.39 13.43
C ASN C 92 11.64 -37.30 12.09
N PHE C 93 12.98 -37.23 12.08
CA PHE C 93 13.67 -37.18 10.80
C PHE C 93 13.49 -38.50 10.05
N ILE C 94 13.13 -38.39 8.78
CA ILE C 94 12.90 -39.55 7.92
C ILE C 94 13.54 -39.24 6.57
N PRO C 95 14.54 -40.00 6.15
CA PRO C 95 15.31 -39.65 4.94
C PRO C 95 14.44 -39.38 3.72
N GLY C 96 14.76 -38.31 3.02
CA GLY C 96 13.99 -37.88 1.87
C GLY C 96 12.67 -37.22 2.17
N ARG C 97 12.27 -37.11 3.45
CA ARG C 97 10.96 -36.59 3.75
C ARG C 97 10.97 -35.61 4.93
N HIS C 98 12.10 -34.97 5.21
CA HIS C 98 12.25 -34.06 6.35
C HIS C 98 11.72 -34.68 7.64
N ALA C 99 10.74 -34.05 8.30
CA ALA C 99 10.18 -34.56 9.55
C ALA C 99 8.70 -34.82 9.38
N VAL C 100 8.28 -36.05 9.67
CA VAL C 100 6.87 -36.44 9.58
C VAL C 100 6.48 -37.23 10.84
N PRO C 101 5.74 -36.66 11.77
CA PRO C 101 5.41 -37.38 13.00
C PRO C 101 4.42 -38.52 12.75
N GLY C 102 4.39 -39.45 13.70
CA GLY C 102 3.38 -40.50 13.74
C GLY C 102 3.38 -41.52 12.61
N GLU C 103 4.55 -41.96 12.18
CA GLU C 103 4.70 -43.11 11.32
C GLU C 103 5.32 -44.26 12.13
N PRO C 104 5.43 -45.46 11.57
CA PRO C 104 6.08 -46.58 12.30
C PRO C 104 7.46 -46.19 12.80
N PRO C 105 7.77 -46.44 14.09
CA PRO C 105 9.06 -46.00 14.64
C PRO C 105 10.29 -46.55 13.92
N GLU C 106 10.14 -47.51 13.01
CA GLU C 106 11.29 -48.04 12.27
C GLU C 106 11.67 -47.18 11.06
N SER C 107 10.85 -46.21 10.67
CA SER C 107 11.22 -45.34 9.57
C SER C 107 12.12 -44.18 9.98
N TYR C 108 12.43 -44.05 11.30
CA TYR C 108 13.19 -42.97 11.89
C TYR C 108 14.61 -43.40 12.28
N PRO C 109 15.57 -43.36 11.35
CA PRO C 109 16.84 -44.05 11.54
C PRO C 109 17.73 -43.45 12.59
N LEU C 110 17.44 -42.24 13.06
CA LEU C 110 18.28 -41.63 14.09
C LEU C 110 17.46 -41.25 15.30
N ARG C 111 16.20 -41.68 15.35
CA ARG C 111 15.35 -41.50 16.51
C ARG C 111 16.04 -42.07 17.73
N GLY C 112 16.21 -41.24 18.75
CA GLY C 112 16.72 -41.72 20.02
C GLY C 112 18.21 -41.53 20.25
N VAL C 113 18.99 -41.11 19.25
CA VAL C 113 20.42 -40.92 19.45
C VAL C 113 20.67 -39.84 20.50
N ARG C 114 19.96 -38.71 20.39
CA ARG C 114 20.18 -37.62 21.34
C ARG C 114 19.88 -38.07 22.77
N THR C 115 18.85 -38.90 22.93
CA THR C 115 18.42 -39.36 24.23
C THR C 115 19.46 -40.26 24.90
N GLY C 116 20.24 -40.98 24.08
CA GLY C 116 21.18 -42.00 24.55
C GLY C 116 20.79 -43.43 24.20
N GLU C 117 19.60 -43.66 23.64
CA GLU C 117 19.15 -45.03 23.42
C GLU C 117 19.77 -45.68 22.18
N LYS C 118 20.16 -44.88 21.19
CA LYS C 118 20.89 -45.40 20.03
C LYS C 118 22.28 -44.78 20.00
N LYS C 119 23.21 -45.51 19.42
CA LYS C 119 24.59 -45.02 19.40
C LYS C 119 24.78 -44.07 18.22
N PRO C 120 25.36 -42.90 18.48
CA PRO C 120 25.61 -41.93 17.42
C PRO C 120 26.39 -42.52 16.26
N PRO C 121 26.26 -41.98 15.06
CA PRO C 121 27.13 -42.36 13.94
C PRO C 121 28.59 -42.11 14.29
N PRO C 122 29.52 -42.71 13.55
CA PRO C 122 30.94 -42.49 13.84
C PRO C 122 31.38 -41.04 13.65
N GLY C 123 31.75 -40.40 14.75
CA GLY C 123 32.32 -39.07 14.74
C GLY C 123 31.52 -38.05 15.50
N TYR C 124 30.34 -38.39 16.00
CA TYR C 124 29.41 -37.41 16.53
C TYR C 124 28.89 -37.88 17.87
N GLN C 125 28.40 -36.91 18.65
CA GLN C 125 27.91 -37.06 20.01
C GLN C 125 26.39 -36.82 20.08
N PRO C 126 25.71 -37.30 21.13
CA PRO C 126 24.27 -37.00 21.29
C PRO C 126 23.88 -35.52 21.20
N SER C 127 24.73 -34.61 21.69
CA SER C 127 24.39 -33.18 21.64
C SER C 127 24.25 -32.68 20.21
N ASP C 128 24.92 -33.31 19.24
CA ASP C 128 24.79 -33.00 17.83
C ASP C 128 23.39 -33.27 17.28
N PHE C 129 22.48 -33.79 18.11
CA PHE C 129 21.15 -34.17 17.66
C PHE C 129 20.07 -33.43 18.45
N ALA C 130 20.45 -32.38 19.16
CA ALA C 130 19.50 -31.51 19.82
C ALA C 130 19.36 -30.21 19.02
N ILE C 131 18.43 -29.39 19.49
CA ILE C 131 18.28 -28.03 19.00
C ILE C 131 19.46 -27.24 19.54
N PRO C 132 20.38 -26.78 18.70
CA PRO C 132 21.56 -26.07 19.22
C PRO C 132 21.36 -24.57 19.36
N LYS C 133 22.04 -23.99 20.35
CA LYS C 133 22.15 -22.55 20.43
C LYS C 133 22.83 -22.00 19.19
N LEU C 134 22.45 -20.80 18.79
CA LEU C 134 23.17 -20.18 17.68
C LEU C 134 24.63 -19.98 18.07
N ALA C 135 24.88 -19.64 19.33
CA ALA C 135 26.26 -19.54 19.80
C ALA C 135 27.00 -20.87 19.60
N ASP C 136 26.38 -21.99 20.02
CA ASP C 136 26.97 -23.30 19.78
C ASP C 136 27.36 -23.49 18.31
N VAL C 137 26.43 -23.17 17.39
CA VAL C 137 26.73 -23.35 15.97
C VAL C 137 27.85 -22.40 15.53
N LEU C 138 27.82 -21.15 16.01
CA LEU C 138 28.86 -20.23 15.59
C LEU C 138 30.24 -20.73 16.02
N GLU C 139 30.32 -21.30 17.23
CA GLU C 139 31.57 -21.86 17.71
C GLU C 139 32.05 -23.01 16.82
N ALA C 140 31.15 -23.94 16.49
CA ALA C 140 31.57 -25.05 15.64
C ALA C 140 32.05 -24.62 14.26
N PHE C 141 31.71 -23.43 13.78
CA PHE C 141 31.96 -23.07 12.38
C PHE C 141 32.57 -21.68 12.27
N PRO C 142 33.77 -21.49 12.85
CA PRO C 142 34.36 -20.14 12.87
C PRO C 142 34.80 -19.63 11.50
N ARG C 143 35.01 -20.50 10.52
CA ARG C 143 35.45 -20.09 9.19
C ARG C 143 34.50 -20.55 8.09
N THR C 144 33.27 -20.91 8.45
CA THR C 144 32.22 -21.16 7.47
C THR C 144 31.24 -19.99 7.45
N PRO C 145 30.98 -19.35 6.30
CA PRO C 145 29.91 -18.34 6.23
C PRO C 145 28.55 -18.95 6.53
N ILE C 146 27.69 -18.20 7.22
CA ILE C 146 26.39 -18.70 7.62
C ILE C 146 25.26 -17.74 7.21
N ASN C 147 24.16 -18.34 6.76
CA ASN C 147 22.95 -17.65 6.34
C ASN C 147 21.90 -17.85 7.43
N ILE C 148 21.51 -16.77 8.07
CA ILE C 148 20.61 -16.83 9.21
C ILE C 148 19.27 -16.20 8.84
N GLU C 149 18.17 -16.89 9.15
CA GLU C 149 16.84 -16.33 8.92
C GLU C 149 16.07 -16.13 10.22
N ILE C 150 15.88 -14.85 10.61
CA ILE C 150 15.07 -14.47 11.75
C ILE C 150 13.65 -14.99 11.58
N LYS C 151 13.28 -16.00 12.35
CA LYS C 151 11.91 -16.47 12.32
C LYS C 151 11.13 -15.75 13.42
N GLY C 152 9.86 -16.13 13.60
CA GLY C 152 8.97 -15.46 14.53
C GLY C 152 7.89 -16.42 14.99
N THR C 153 7.12 -15.98 16.01
CA THR C 153 6.15 -16.90 16.63
C THR C 153 5.03 -17.26 15.68
N SER C 154 4.49 -16.26 14.97
CA SER C 154 3.42 -16.40 13.98
C SER C 154 3.51 -15.16 13.11
N ASP C 155 2.91 -15.24 11.92
CA ASP C 155 3.01 -14.11 10.98
C ASP C 155 2.42 -12.84 11.58
N ALA C 156 1.34 -12.96 12.35
CA ALA C 156 0.78 -11.78 13.02
C ALA C 156 1.73 -11.18 14.09
N ASP C 157 2.60 -12.00 14.69
CA ASP C 157 3.34 -11.60 15.91
C ASP C 157 4.59 -10.82 15.52
N ILE C 158 4.40 -9.57 15.14
CA ILE C 158 5.53 -8.79 14.65
C ILE C 158 6.55 -8.51 15.76
N PRO C 159 6.14 -8.26 17.02
CA PRO C 159 7.19 -8.04 18.03
C PRO C 159 8.09 -9.24 18.22
N SER C 160 7.56 -10.47 18.18
CA SER C 160 8.41 -11.65 18.28
C SER C 160 9.54 -11.59 17.24
N PHE C 161 9.21 -11.29 15.98
CA PHE C 161 10.25 -11.08 14.98
C PHE C 161 11.24 -9.99 15.40
N LEU C 162 10.74 -8.89 15.97
CA LEU C 162 11.65 -7.81 16.31
C LEU C 162 12.56 -8.21 17.46
N HIS C 163 12.01 -8.97 18.41
CA HIS C 163 12.81 -9.46 19.54
C HIS C 163 13.97 -10.33 19.06
N ASN C 164 13.68 -11.32 18.22
CA ASN C 164 14.74 -12.15 17.67
C ASN C 164 15.78 -11.32 16.92
N ALA C 165 15.36 -10.31 16.18
CA ALA C 165 16.33 -9.49 15.47
C ALA C 165 17.28 -8.79 16.42
N LYS C 166 16.80 -8.39 17.60
CA LYS C 166 17.69 -7.63 18.47
C LYS C 166 18.64 -8.56 19.23
N LEU C 167 18.14 -9.73 19.67
CA LEU C 167 19.05 -10.74 20.23
C LEU C 167 20.11 -11.14 19.21
N LEU C 168 19.73 -11.30 17.96
CA LEU C 168 20.67 -11.76 16.96
C LEU C 168 21.69 -10.68 16.60
N ALA C 169 21.28 -9.42 16.58
CA ALA C 169 22.25 -8.39 16.21
C ALA C 169 23.33 -8.22 17.28
N ARG C 170 22.95 -8.31 18.55
CA ARG C 170 23.94 -8.18 19.61
C ARG C 170 24.86 -9.40 19.61
N LEU C 171 24.28 -10.58 19.52
CA LEU C 171 25.08 -11.79 19.44
C LEU C 171 26.06 -11.74 18.28
N LEU C 172 25.58 -11.35 17.10
CA LEU C 172 26.47 -11.35 15.95
C LEU C 172 27.48 -10.22 16.05
N LYS C 173 27.15 -9.14 16.77
CA LYS C 173 28.08 -8.03 16.88
C LYS C 173 29.31 -8.42 17.70
N LYS C 174 29.12 -9.27 18.72
CA LYS C 174 30.23 -9.75 19.55
C LYS C 174 31.26 -10.51 18.69
N THR C 175 30.81 -11.43 17.84
CA THR C 175 31.73 -12.26 17.07
C THR C 175 32.70 -11.47 16.23
N GLY C 176 32.41 -10.21 15.91
CA GLY C 176 33.26 -9.47 15.01
C GLY C 176 33.34 -10.00 13.60
N ARG C 177 32.58 -11.05 13.25
CA ARG C 177 32.56 -11.58 11.89
C ARG C 177 31.51 -10.84 11.06
N THR C 178 31.80 -10.73 9.75
CA THR C 178 30.84 -10.20 8.79
C THR C 178 30.59 -11.18 7.65
N ASP C 179 30.93 -12.45 7.83
CA ASP C 179 30.69 -13.47 6.82
C ASP C 179 29.35 -14.17 7.08
N PHE C 180 28.33 -13.34 7.31
CA PHE C 180 26.96 -13.80 7.40
C PHE C 180 26.12 -13.11 6.33
N ILE C 181 24.97 -13.71 6.03
CA ILE C 181 23.86 -13.03 5.39
C ILE C 181 22.66 -13.24 6.30
N VAL C 182 22.09 -12.14 6.81
CA VAL C 182 20.95 -12.17 7.71
C VAL C 182 19.71 -11.72 6.95
N THR C 183 18.61 -12.43 7.12
CA THR C 183 17.41 -12.11 6.36
C THR C 183 16.21 -12.46 7.23
N SER C 184 15.03 -12.05 6.76
CA SER C 184 13.76 -12.50 7.33
C SER C 184 12.72 -12.41 6.24
N LEU C 185 11.62 -13.19 6.36
CA LEU C 185 10.50 -12.85 5.49
C LEU C 185 9.82 -11.55 5.95
N ASN C 186 9.99 -11.15 7.20
CA ASN C 186 9.40 -9.93 7.72
C ASN C 186 10.40 -8.80 7.58
N ASP C 187 9.98 -7.73 6.89
CA ASP C 187 10.89 -6.68 6.46
C ASP C 187 11.28 -5.75 7.59
N LEU C 188 10.43 -5.65 8.62
CA LEU C 188 10.77 -4.80 9.76
C LEU C 188 11.89 -5.44 10.57
N ALA C 189 11.82 -6.75 10.75
CA ALA C 189 12.96 -7.49 11.29
C ALA C 189 14.24 -7.16 10.53
N VAL C 190 14.22 -7.24 9.19
CA VAL C 190 15.43 -6.89 8.46
C VAL C 190 15.81 -5.45 8.74
N ALA C 191 14.81 -4.57 8.86
CA ALA C 191 15.11 -3.16 9.06
C ALA C 191 15.65 -2.90 10.46
N LYS C 192 15.05 -3.49 11.49
CA LYS C 192 15.62 -3.26 12.82
C LYS C 192 17.00 -3.87 12.91
N PHE C 193 17.16 -5.09 12.38
CA PHE C 193 18.47 -5.71 12.39
C PHE C 193 19.50 -4.79 11.73
N HIS C 194 19.22 -4.32 10.51
CA HIS C 194 20.22 -3.54 9.80
C HIS C 194 20.58 -2.26 10.55
N LEU C 195 19.71 -1.80 11.44
CA LEU C 195 20.01 -0.60 12.20
C LEU C 195 20.93 -0.92 13.36
N LEU C 196 20.70 -2.08 14.00
CA LEU C 196 21.49 -2.52 15.15
C LEU C 196 22.88 -3.02 14.73
N ALA C 197 22.96 -3.73 13.61
CA ALA C 197 24.18 -4.39 13.13
C ALA C 197 24.51 -3.92 11.73
N PRO C 198 24.88 -2.65 11.55
CA PRO C 198 25.03 -2.10 10.19
C PRO C 198 26.09 -2.78 9.34
N ASP C 199 26.98 -3.58 9.91
CA ASP C 199 28.10 -4.13 9.15
C ASP C 199 27.82 -5.52 8.57
N ILE C 200 26.75 -6.17 8.99
CA ILE C 200 26.46 -7.55 8.62
C ILE C 200 25.59 -7.54 7.36
N PRO C 201 26.04 -8.16 6.26
CA PRO C 201 25.22 -8.18 5.05
C PRO C 201 23.85 -8.76 5.31
N ILE C 202 22.86 -8.26 4.56
CA ILE C 202 21.48 -8.72 4.68
C ILE C 202 20.96 -9.09 3.30
N ALA C 203 19.82 -9.76 3.32
CA ALA C 203 19.03 -10.03 2.13
C ALA C 203 17.60 -9.62 2.45
N PRO C 204 16.90 -8.98 1.51
CA PRO C 204 15.63 -8.33 1.83
C PRO C 204 14.52 -9.29 2.21
N GLY C 205 13.50 -8.72 2.85
CA GLY C 205 12.31 -9.45 3.21
C GLY C 205 11.36 -9.61 2.04
N MET C 206 10.14 -10.01 2.37
CA MET C 206 9.13 -10.31 1.34
C MET C 206 8.76 -9.04 0.55
N ALA C 207 8.29 -8.00 1.24
CA ALA C 207 7.90 -6.76 0.57
C ALA C 207 9.07 -6.20 -0.24
N GLY C 208 10.26 -6.17 0.34
CA GLY C 208 11.40 -5.62 -0.37
C GLY C 208 11.66 -6.32 -1.68
N LEU C 209 11.30 -7.61 -1.77
CA LEU C 209 11.53 -8.42 -2.95
C LEU C 209 10.48 -8.17 -4.02
N ALA C 210 9.20 -8.22 -3.63
CA ALA C 210 8.13 -7.75 -4.50
C ALA C 210 8.45 -6.37 -5.07
N ALA C 211 8.71 -5.39 -4.19
CA ALA C 211 9.06 -4.06 -4.67
C ALA C 211 10.19 -4.07 -5.69
N TYR C 212 11.06 -5.06 -5.66
CA TYR C 212 12.15 -5.08 -6.63
C TYR C 212 11.76 -5.78 -7.92
N PHE C 213 11.11 -6.93 -7.77
CA PHE C 213 10.64 -7.66 -8.94
C PHE C 213 9.75 -6.76 -9.77
N LEU C 214 8.88 -6.03 -9.09
CA LEU C 214 7.70 -5.38 -9.65
C LEU C 214 7.92 -3.93 -10.05
N LEU C 215 8.65 -3.13 -9.27
CA LEU C 215 8.83 -1.71 -9.58
C LEU C 215 10.31 -1.35 -9.70
N GLY C 216 11.20 -2.33 -9.56
CA GLY C 216 12.63 -2.08 -9.60
C GLY C 216 13.18 -1.35 -8.40
N VAL C 217 12.47 -1.38 -7.27
CA VAL C 217 12.94 -0.69 -6.08
C VAL C 217 14.13 -1.45 -5.51
N LYS C 218 15.29 -0.80 -5.49
CA LYS C 218 16.49 -1.45 -4.98
C LYS C 218 16.23 -1.88 -3.53
N PRO C 219 16.63 -3.10 -3.15
CA PRO C 219 16.40 -3.56 -1.77
C PRO C 219 17.21 -2.76 -0.77
N MET C 220 16.83 -2.92 0.50
CA MET C 220 17.39 -2.11 1.58
C MET C 220 18.91 -2.07 1.51
N HIS C 221 19.47 -0.86 1.69
CA HIS C 221 20.92 -0.71 1.74
C HIS C 221 21.49 -1.70 2.76
N GLY C 222 22.68 -2.21 2.46
CA GLY C 222 23.18 -3.40 3.11
C GLY C 222 22.79 -4.71 2.45
N THR C 223 21.91 -4.70 1.46
CA THR C 223 21.60 -5.95 0.79
C THR C 223 22.76 -6.35 -0.10
N VAL C 224 23.14 -7.61 0.01
CA VAL C 224 24.22 -8.15 -0.79
C VAL C 224 23.73 -9.22 -1.76
N ALA C 225 22.57 -9.82 -1.51
CA ALA C 225 22.00 -10.81 -2.39
C ALA C 225 20.49 -10.79 -2.23
N LEU C 226 19.80 -11.31 -3.24
CA LEU C 226 18.37 -11.53 -3.19
C LEU C 226 18.15 -13.01 -3.06
N GLN C 227 17.41 -13.42 -2.05
CA GLN C 227 17.24 -14.85 -1.80
C GLN C 227 15.78 -15.18 -2.09
N ILE C 228 15.57 -15.83 -3.22
CA ILE C 228 14.27 -16.00 -3.86
C ILE C 228 13.99 -17.49 -3.92
N PRO C 229 12.73 -17.87 -3.94
CA PRO C 229 12.36 -19.25 -4.30
C PRO C 229 12.43 -19.41 -5.81
N VAL C 230 12.20 -20.64 -6.27
CA VAL C 230 12.14 -20.86 -7.72
C VAL C 230 10.83 -20.29 -8.27
N ARG C 231 9.72 -20.62 -7.61
CA ARG C 231 8.37 -20.28 -8.00
C ARG C 231 7.62 -19.68 -6.82
N TYR C 232 6.84 -18.63 -7.09
CA TYR C 232 5.94 -17.99 -6.14
C TYR C 232 4.57 -17.94 -6.77
N GLN C 233 3.59 -18.56 -6.10
CA GLN C 233 2.22 -18.62 -6.60
C GLN C 233 2.19 -18.91 -8.09
N GLY C 234 3.04 -19.82 -8.56
CA GLY C 234 3.08 -20.23 -9.95
C GLY C 234 3.88 -19.34 -10.87
N LEU C 235 4.30 -18.16 -10.43
CA LEU C 235 5.19 -17.34 -11.24
C LEU C 235 6.64 -17.83 -11.10
N GLU C 236 7.37 -17.80 -12.21
CA GLU C 236 8.75 -18.28 -12.25
C GLU C 236 9.67 -17.11 -11.91
N ILE C 237 10.18 -17.09 -10.67
CA ILE C 237 11.07 -16.01 -10.26
C ILE C 237 12.51 -16.30 -10.63
N ALA C 238 12.92 -17.56 -10.46
CA ALA C 238 14.34 -17.94 -10.54
C ALA C 238 14.69 -18.29 -11.97
N THR C 239 14.80 -17.24 -12.79
CA THR C 239 14.92 -17.25 -14.24
C THR C 239 16.25 -16.65 -14.65
N PRO C 240 16.82 -17.11 -15.77
CA PRO C 240 18.09 -16.53 -16.22
C PRO C 240 17.98 -15.05 -16.43
N GLU C 241 16.79 -14.57 -16.86
CA GLU C 241 16.59 -13.15 -17.10
C GLU C 241 16.60 -12.37 -15.79
N PHE C 242 15.74 -12.79 -14.85
CA PHE C 242 15.69 -12.07 -13.57
C PHE C 242 17.07 -12.03 -12.93
N ILE C 243 17.74 -13.18 -12.89
CA ILE C 243 19.08 -13.29 -12.33
C ILE C 243 20.04 -12.39 -13.11
N ARG C 244 19.92 -12.38 -14.43
CA ARG C 244 20.71 -11.44 -15.22
C ARG C 244 20.50 -10.02 -14.76
N ARG C 245 19.24 -9.53 -14.72
CA ARG C 245 19.03 -8.14 -14.30
C ARG C 245 19.56 -7.93 -12.88
N ALA C 246 19.21 -8.83 -11.97
CA ALA C 246 19.70 -8.79 -10.60
C ALA C 246 21.22 -8.70 -10.55
N HIS C 247 21.90 -9.28 -11.53
CA HIS C 247 23.36 -9.23 -11.55
C HIS C 247 23.84 -7.85 -11.96
N ALA C 248 23.22 -7.26 -13.00
CA ALA C 248 23.57 -5.90 -13.41
C ALA C 248 23.41 -4.88 -12.28
N ASP C 249 22.41 -5.07 -11.41
CA ASP C 249 22.26 -4.19 -10.26
C ASP C 249 23.23 -4.49 -9.13
N GLY C 250 24.13 -5.46 -9.31
CA GLY C 250 25.13 -5.75 -8.30
C GLY C 250 24.63 -6.60 -7.15
N TYR C 251 23.68 -7.51 -7.41
CA TYR C 251 23.12 -8.38 -6.38
C TYR C 251 23.36 -9.83 -6.77
N ALA C 252 23.93 -10.62 -5.86
CA ALA C 252 23.94 -12.05 -6.14
C ALA C 252 22.55 -12.64 -5.87
N VAL C 253 22.25 -13.75 -6.52
CA VAL C 253 20.96 -14.39 -6.34
C VAL C 253 21.19 -15.77 -5.76
N HIS C 254 20.47 -16.09 -4.69
CA HIS C 254 20.55 -17.39 -4.05
C HIS C 254 19.15 -17.98 -4.08
N VAL C 255 19.01 -19.17 -4.63
CA VAL C 255 17.70 -19.75 -4.87
C VAL C 255 17.46 -20.91 -3.91
N TRP C 256 16.32 -20.90 -3.22
CA TRP C 256 15.86 -22.05 -2.43
C TRP C 256 14.69 -22.73 -3.12
N PHE C 257 14.13 -23.73 -2.43
CA PHE C 257 13.15 -24.63 -3.04
C PHE C 257 11.99 -24.85 -2.09
N SER C 258 12.09 -25.84 -1.21
CA SER C 258 11.16 -26.02 -0.11
C SER C 258 9.70 -26.07 -0.57
N GLY C 259 9.44 -26.84 -1.62
CA GLY C 259 8.10 -27.04 -2.13
C GLY C 259 7.80 -26.25 -3.38
N THR C 260 8.40 -25.08 -3.54
CA THR C 260 8.13 -24.28 -4.72
C THR C 260 8.70 -24.89 -5.99
N ALA C 261 9.42 -25.99 -5.88
CA ALA C 261 10.10 -26.67 -6.98
C ALA C 261 10.70 -27.95 -6.41
N PRO C 262 10.83 -29.01 -7.20
CA PRO C 262 11.36 -30.26 -6.66
C PRO C 262 12.83 -30.09 -6.28
N ASP C 263 13.23 -30.84 -5.25
CA ASP C 263 14.62 -30.97 -4.85
C ASP C 263 15.19 -32.16 -5.61
N ASP C 264 15.68 -31.92 -6.82
CA ASP C 264 16.17 -33.05 -7.61
C ASP C 264 17.16 -32.56 -8.65
N GLU C 265 17.85 -33.52 -9.28
CA GLU C 265 18.97 -33.19 -10.17
C GLU C 265 18.55 -32.26 -11.29
N ALA C 266 17.41 -32.55 -11.91
CA ALA C 266 16.92 -31.73 -13.00
C ALA C 266 16.78 -30.27 -12.56
N THR C 267 15.97 -30.03 -11.51
CA THR C 267 15.77 -28.67 -11.02
C THR C 267 17.08 -28.00 -10.66
N TYR C 268 17.92 -28.67 -9.84
CA TYR C 268 19.21 -28.10 -9.45
C TYR C 268 20.03 -27.67 -10.68
N ASN C 269 20.10 -28.54 -11.69
CA ASN C 269 20.87 -28.23 -12.89
C ASN C 269 20.30 -27.02 -13.63
N ARG C 270 18.97 -26.97 -13.79
CA ARG C 270 18.35 -25.78 -14.37
C ARG C 270 18.80 -24.52 -13.62
N ILE C 271 18.68 -24.52 -12.29
CA ILE C 271 19.03 -23.34 -11.52
C ILE C 271 20.49 -22.96 -11.71
N ILE C 272 21.39 -23.96 -11.80
CA ILE C 272 22.80 -23.62 -12.01
C ILE C 272 22.98 -22.91 -13.35
N ASP C 273 22.36 -23.45 -14.40
CA ASP C 273 22.45 -22.85 -15.73
C ASP C 273 21.79 -21.47 -15.78
N SER C 274 20.80 -21.23 -14.91
CA SER C 274 20.21 -19.91 -14.75
C SER C 274 21.17 -18.91 -14.15
N CYS C 275 22.41 -19.29 -13.88
CA CYS C 275 23.48 -18.43 -13.42
C CYS C 275 23.28 -17.98 -11.98
N ALA C 276 22.38 -18.66 -11.25
CA ALA C 276 22.24 -18.44 -9.82
C ALA C 276 23.60 -18.50 -9.13
N ASP C 277 23.81 -17.64 -8.14
CA ASP C 277 25.10 -17.63 -7.47
C ASP C 277 25.19 -18.67 -6.35
N GLY C 278 24.07 -19.25 -5.93
CA GLY C 278 24.11 -20.22 -4.88
C GLY C 278 22.77 -20.92 -4.74
N LEU C 279 22.78 -22.19 -4.34
CA LEU C 279 21.56 -22.96 -4.16
C LEU C 279 21.44 -23.36 -2.70
N MET C 280 20.20 -23.57 -2.25
CA MET C 280 19.93 -24.02 -0.89
C MET C 280 19.21 -25.35 -0.93
N PRO C 281 19.91 -26.42 -1.33
CA PRO C 281 19.28 -27.73 -1.49
C PRO C 281 18.97 -28.38 -0.16
N ALA C 282 17.95 -29.25 -0.17
CA ALA C 282 17.73 -30.19 0.92
C ALA C 282 18.56 -31.46 0.75
N TYR C 283 19.27 -31.57 -0.38
CA TYR C 283 20.19 -32.64 -0.70
C TYR C 283 21.55 -32.04 -1.02
N PRO C 284 22.27 -31.53 0.01
CA PRO C 284 23.57 -30.91 -0.27
C PRO C 284 24.60 -31.88 -0.84
N ALA C 285 24.49 -33.17 -0.50
CA ALA C 285 25.42 -34.15 -1.07
C ALA C 285 25.13 -34.35 -2.55
N LEU C 286 23.85 -34.51 -2.90
CA LEU C 286 23.47 -34.59 -4.30
C LEU C 286 23.99 -33.40 -5.09
N LEU C 287 23.68 -32.18 -4.63
CA LEU C 287 24.12 -31.01 -5.37
C LEU C 287 25.65 -30.98 -5.47
N GLU C 288 26.34 -31.31 -4.37
CA GLU C 288 27.79 -31.35 -4.44
C GLU C 288 28.26 -32.34 -5.50
N ARG C 289 27.64 -33.52 -5.56
CA ARG C 289 27.99 -34.44 -6.64
C ARG C 289 27.87 -33.72 -7.97
N ILE C 290 26.75 -33.02 -8.18
CA ILE C 290 26.45 -32.43 -9.47
C ILE C 290 27.43 -31.33 -9.80
N LEU C 291 27.71 -30.47 -8.83
CA LEU C 291 28.69 -29.41 -9.03
C LEU C 291 30.05 -30.00 -9.39
N ASP C 292 30.52 -30.98 -8.61
CA ASP C 292 31.82 -31.62 -8.85
C ASP C 292 31.89 -32.24 -10.25
N GLU C 293 30.85 -33.01 -10.64
CA GLU C 293 30.94 -33.73 -11.89
C GLU C 293 30.93 -32.81 -13.11
N ARG C 294 30.21 -31.69 -13.05
CA ARG C 294 30.15 -30.76 -14.17
C ARG C 294 31.23 -29.70 -14.12
N GLY C 295 32.17 -29.79 -13.18
CA GLY C 295 33.30 -28.86 -13.16
C GLY C 295 32.90 -27.41 -13.03
N ILE C 296 31.91 -27.12 -12.21
CA ILE C 296 31.42 -25.77 -12.06
C ILE C 296 32.33 -25.00 -11.11
N GLU C 297 32.61 -23.75 -11.46
CA GLU C 297 33.40 -22.85 -10.62
C GLU C 297 32.86 -22.83 -9.19
N ARG C 298 33.71 -22.50 -8.23
CA ARG C 298 33.36 -22.47 -6.83
C ARG C 298 34.15 -21.34 -6.20
N PRO C 299 33.74 -20.88 -5.02
CA PRO C 299 34.50 -19.81 -4.35
C PRO C 299 35.96 -20.19 -4.17
N GLY C 300 36.84 -19.40 -4.80
CA GLY C 300 38.27 -19.62 -4.78
C GLY C 300 38.77 -20.59 -5.83
N ARG C 301 37.88 -21.45 -6.37
CA ARG C 301 38.26 -22.50 -7.31
C ARG C 301 37.69 -22.25 -8.69
N PRO C 302 38.47 -21.74 -9.64
CA PRO C 302 37.94 -21.50 -10.99
C PRO C 302 37.47 -22.79 -11.65
N GLY C 303 36.54 -22.65 -12.58
CA GLY C 303 35.96 -23.80 -13.23
C GLY C 303 35.04 -23.36 -14.35
N VAL C 304 34.17 -24.26 -14.80
CA VAL C 304 33.24 -23.90 -15.85
C VAL C 304 32.28 -22.82 -15.34
N ASP C 305 31.90 -21.91 -16.24
CA ASP C 305 30.88 -20.91 -15.96
C ASP C 305 29.60 -21.32 -16.70
N PRO C 306 28.52 -21.67 -16.01
CA PRO C 306 27.34 -22.22 -16.69
C PRO C 306 26.44 -21.20 -17.38
N CYS C 307 26.87 -19.95 -17.55
CA CYS C 307 26.00 -18.93 -18.16
C CYS C 307 26.78 -18.05 -19.15
N ASP D 7 -11.74 -27.85 5.82
CA ASP D 7 -12.42 -27.08 4.78
C ASP D 7 -12.93 -25.74 5.33
N ASN D 8 -13.40 -24.85 4.42
CA ASN D 8 -13.93 -23.52 4.78
C ASN D 8 -15.45 -23.60 4.81
N PRO D 9 -16.09 -23.40 5.97
CA PRO D 9 -17.54 -23.57 6.01
C PRO D 9 -18.29 -22.46 5.29
N TRP D 10 -17.74 -21.24 5.29
CA TRP D 10 -18.42 -20.10 4.67
C TRP D 10 -18.59 -20.29 3.17
N LEU D 11 -17.70 -21.06 2.52
CA LEU D 11 -17.88 -21.37 1.10
C LEU D 11 -19.24 -22.00 0.79
N ASP D 12 -19.91 -22.55 1.80
CA ASP D 12 -21.25 -23.10 1.65
C ASP D 12 -22.34 -22.18 2.18
N ALA D 13 -21.99 -21.24 3.06
CA ALA D 13 -22.94 -20.23 3.53
C ALA D 13 -23.21 -19.25 2.38
N ARG D 14 -24.28 -19.49 1.63
CA ARG D 14 -24.57 -18.73 0.43
C ARG D 14 -26.02 -18.99 0.04
N VAL D 15 -26.72 -17.97 -0.47
CA VAL D 15 -26.29 -16.58 -0.55
C VAL D 15 -26.78 -15.85 0.70
N LEU D 16 -25.92 -15.04 1.30
CA LEU D 16 -26.20 -14.39 2.57
C LEU D 16 -26.74 -12.98 2.37
N ASN D 17 -27.54 -12.51 3.33
CA ASN D 17 -28.04 -11.14 3.36
C ASN D 17 -27.47 -10.56 4.65
N MET D 18 -26.47 -9.73 4.52
CA MET D 18 -25.71 -9.22 5.65
C MET D 18 -26.10 -7.78 5.81
N ALA D 19 -27.09 -7.54 6.66
CA ALA D 19 -27.66 -6.21 6.80
C ALA D 19 -26.62 -5.17 7.16
N HIS D 20 -26.21 -4.37 6.17
CA HIS D 20 -25.20 -3.33 6.33
C HIS D 20 -25.58 -2.34 7.42
N ALA D 21 -24.94 -2.42 8.58
CA ALA D 21 -25.33 -1.63 9.76
C ALA D 21 -26.80 -1.86 10.12
N GLY D 22 -27.35 -2.99 9.68
CA GLY D 22 -28.77 -3.27 9.73
C GLY D 22 -29.52 -2.97 8.44
N GLY D 23 -28.86 -2.34 7.48
CA GLY D 23 -29.54 -1.70 6.37
C GLY D 23 -29.77 -0.25 6.71
N GLU D 24 -28.79 0.62 6.47
CA GLU D 24 -28.84 2.00 6.93
C GLU D 24 -29.74 2.89 6.10
N ASN D 25 -30.35 2.37 5.02
CA ASN D 25 -31.33 3.12 4.23
C ASN D 25 -32.78 2.69 4.49
N GLU D 26 -32.98 1.58 5.20
CA GLU D 26 -34.29 1.14 5.66
C GLU D 26 -34.48 1.31 7.18
N ALA D 27 -33.47 1.78 7.91
CA ALA D 27 -33.51 1.80 9.37
C ALA D 27 -32.36 2.68 9.86
N PRO D 28 -32.42 3.18 11.11
CA PRO D 28 -31.28 3.95 11.62
C PRO D 28 -30.09 3.03 11.89
N ALA D 29 -28.91 3.48 11.43
CA ALA D 29 -27.74 2.61 11.36
C ALA D 29 -27.24 2.25 12.76
N ASN D 30 -26.89 0.97 12.94
CA ASN D 30 -26.19 0.50 14.14
C ASN D 30 -27.04 0.73 15.40
N THR D 31 -28.26 0.19 15.35
CA THR D 31 -29.21 0.15 16.45
C THR D 31 -29.85 -1.21 16.43
N LEU D 32 -30.41 -1.62 17.57
CA LEU D 32 -30.90 -2.99 17.67
C LEU D 32 -32.25 -3.17 16.96
N TYR D 33 -33.09 -2.14 16.99
CA TYR D 33 -34.24 -2.14 16.10
C TYR D 33 -33.81 -2.53 14.69
N ALA D 34 -32.83 -1.80 14.15
CA ALA D 34 -32.34 -2.08 12.82
C ALA D 34 -31.92 -3.54 12.70
N PHE D 35 -31.16 -4.04 13.68
CA PHE D 35 -30.65 -5.42 13.61
C PHE D 35 -31.77 -6.44 13.76
N LYS D 36 -32.67 -6.22 14.72
CA LYS D 36 -33.81 -7.10 14.91
C LYS D 36 -34.70 -7.12 13.67
N ARG D 37 -35.04 -5.95 13.14
CA ARG D 37 -35.79 -5.87 11.89
C ARG D 37 -35.15 -6.72 10.80
N ALA D 38 -33.84 -6.59 10.62
CA ALA D 38 -33.17 -7.27 9.52
C ALA D 38 -33.29 -8.78 9.63
N VAL D 39 -32.97 -9.33 10.80
CA VAL D 39 -33.03 -10.79 10.94
C VAL D 39 -34.48 -11.27 10.99
N LYS D 40 -35.40 -10.40 11.41
CA LYS D 40 -36.83 -10.71 11.29
C LYS D 40 -37.21 -10.92 9.83
N LEU D 41 -36.81 -10.00 8.94
CA LEU D 41 -37.08 -10.13 7.51
C LEU D 41 -36.47 -11.40 6.91
N GLY D 42 -35.30 -11.81 7.40
CA GLY D 42 -34.65 -12.97 6.83
C GLY D 42 -33.18 -12.73 6.59
N ALA D 43 -32.64 -11.65 7.15
CA ALA D 43 -31.21 -11.44 7.12
C ALA D 43 -30.50 -12.60 7.82
N ASN D 44 -29.52 -13.20 7.14
CA ASN D 44 -28.78 -14.31 7.72
C ASN D 44 -27.69 -13.86 8.68
N MET D 45 -27.27 -12.60 8.63
CA MET D 45 -26.07 -12.13 9.32
C MET D 45 -26.21 -10.64 9.55
N LEU D 46 -25.49 -10.13 10.55
CA LEU D 46 -25.41 -8.71 10.75
C LEU D 46 -24.03 -8.21 10.35
N GLU D 47 -24.00 -6.97 9.88
CA GLU D 47 -22.80 -6.21 9.59
C GLU D 47 -22.85 -4.98 10.47
N LEU D 48 -21.80 -4.70 11.22
CA LEU D 48 -21.77 -3.50 12.02
C LEU D 48 -20.34 -3.02 12.22
N ASP D 49 -20.23 -1.84 12.83
CA ASP D 49 -18.97 -1.16 13.12
C ASP D 49 -18.89 -0.89 14.62
N VAL D 50 -17.64 -0.84 15.15
CA VAL D 50 -17.40 -0.64 16.57
C VAL D 50 -16.33 0.42 16.78
N GLN D 51 -16.60 1.31 17.72
CA GLN D 51 -15.66 2.27 18.25
C GLN D 51 -15.67 2.12 19.76
N SER D 52 -14.86 2.92 20.44
CA SER D 52 -14.70 2.78 21.88
C SER D 52 -14.87 4.11 22.58
N THR D 53 -15.57 4.07 23.70
CA THR D 53 -15.85 5.18 24.59
C THR D 53 -14.57 5.69 25.26
N LYS D 54 -14.72 6.70 26.14
CA LYS D 54 -13.61 7.08 27.01
C LYS D 54 -13.37 6.05 28.10
N ASP D 55 -14.44 5.52 28.69
CA ASP D 55 -14.34 4.41 29.64
C ASP D 55 -14.14 3.05 28.94
N ASP D 56 -13.65 3.05 27.70
CA ASP D 56 -13.21 1.84 26.98
C ASP D 56 -14.30 0.75 26.94
N GLN D 57 -15.45 1.14 26.43
CA GLN D 57 -16.54 0.21 26.18
C GLN D 57 -16.88 0.24 24.70
N LEU D 58 -17.12 -0.94 24.14
CA LEU D 58 -17.27 -1.12 22.70
C LEU D 58 -18.72 -0.85 22.28
N VAL D 59 -18.92 0.33 21.73
CA VAL D 59 -20.19 0.78 21.19
C VAL D 59 -20.26 0.43 19.70
N VAL D 60 -21.48 0.25 19.21
CA VAL D 60 -21.73 -0.02 17.80
C VAL D 60 -22.05 1.32 17.11
N ILE D 61 -21.10 1.80 16.31
CA ILE D 61 -21.24 3.07 15.62
C ILE D 61 -20.22 3.08 14.49
N HIS D 62 -20.51 3.80 13.42
CA HIS D 62 -19.56 3.86 12.31
C HIS D 62 -18.57 5.02 12.46
N ASN D 63 -19.06 6.23 12.67
CA ASN D 63 -18.19 7.39 12.65
C ASN D 63 -17.38 7.54 13.93
N ALA D 64 -16.33 8.35 13.83
CA ALA D 64 -15.54 8.75 14.99
C ALA D 64 -16.30 9.70 15.90
N THR D 65 -17.16 10.53 15.32
CA THR D 65 -18.00 11.44 16.06
C THR D 65 -19.44 10.95 16.05
N VAL D 66 -20.24 11.41 17.02
CA VAL D 66 -21.64 11.01 17.10
C VAL D 66 -22.57 12.02 16.44
N ASP D 67 -22.02 13.01 15.74
CA ASP D 67 -22.85 14.11 15.27
C ASP D 67 -23.81 13.67 14.18
N GLN D 68 -23.33 12.85 13.24
CA GLN D 68 -24.16 12.56 12.07
C GLN D 68 -25.39 11.72 12.42
N THR D 69 -25.34 10.91 13.48
CA THR D 69 -26.42 9.96 13.72
C THR D 69 -27.23 10.20 14.99
N THR D 70 -26.98 11.31 15.72
CA THR D 70 -27.65 11.55 16.99
C THR D 70 -27.83 13.06 17.20
N ASP D 71 -28.50 13.38 18.30
CA ASP D 71 -28.68 14.75 18.74
C ASP D 71 -27.41 15.35 19.33
N GLY D 72 -26.45 14.50 19.68
CA GLY D 72 -25.25 14.93 20.37
C GLY D 72 -24.12 15.31 19.42
N THR D 73 -22.94 15.51 20.03
CA THR D 73 -21.76 16.02 19.34
C THR D 73 -20.51 15.47 19.99
N GLY D 74 -19.45 15.28 19.19
CA GLY D 74 -18.13 14.95 19.70
C GLY D 74 -17.68 13.54 19.36
N LYS D 75 -16.39 13.31 19.59
CA LYS D 75 -15.76 12.02 19.29
C LYS D 75 -16.15 10.97 20.33
N VAL D 76 -16.44 9.76 19.85
CA VAL D 76 -16.80 8.66 20.74
C VAL D 76 -15.71 8.41 21.77
N ARG D 77 -14.45 8.69 21.41
CA ARG D 77 -13.33 8.50 22.33
C ARG D 77 -13.46 9.36 23.58
N ASP D 78 -14.02 10.58 23.44
CA ASP D 78 -14.09 11.59 24.50
C ASP D 78 -15.37 11.51 25.33
N LEU D 79 -16.09 10.38 25.31
CA LEU D 79 -17.40 10.28 25.94
C LEU D 79 -17.54 8.96 26.68
N THR D 80 -18.22 9.01 27.83
CA THR D 80 -18.59 7.79 28.52
C THR D 80 -19.70 7.06 27.80
N PHE D 81 -19.82 5.78 28.07
CA PHE D 81 -20.91 5.07 27.45
C PHE D 81 -22.26 5.54 27.97
N GLU D 82 -22.34 5.96 29.24
CA GLU D 82 -23.59 6.51 29.74
C GLU D 82 -23.89 7.87 29.11
N GLN D 83 -22.85 8.62 28.72
CA GLN D 83 -23.03 9.82 27.90
C GLN D 83 -23.37 9.54 26.46
N VAL D 84 -23.39 8.27 26.05
CA VAL D 84 -23.74 7.88 24.71
C VAL D 84 -25.08 7.15 24.65
N HIS D 85 -25.40 6.37 25.69
CA HIS D 85 -26.60 5.54 25.68
C HIS D 85 -27.87 6.35 25.87
N GLU D 86 -27.78 7.58 26.35
CA GLU D 86 -28.97 8.42 26.37
C GLU D 86 -29.21 9.08 25.02
N LEU D 87 -28.13 9.42 24.29
CA LEU D 87 -28.27 9.99 22.95
C LEU D 87 -29.20 9.14 22.08
N ASP D 88 -30.09 9.82 21.36
CA ASP D 88 -31.04 9.15 20.46
C ASP D 88 -30.32 8.86 19.16
N ALA D 89 -30.15 7.56 18.85
CA ALA D 89 -29.37 7.07 17.70
C ALA D 89 -30.18 7.02 16.42
N ALA D 90 -31.41 7.53 16.42
CA ALA D 90 -32.20 7.65 15.19
C ALA D 90 -32.41 9.10 14.79
N TYR D 91 -31.67 10.03 15.41
CA TYR D 91 -32.04 11.44 15.35
C TYR D 91 -32.18 11.94 13.92
N ASN D 92 -31.34 11.48 13.00
CA ASN D 92 -31.35 12.02 11.64
C ASN D 92 -31.61 10.95 10.58
N PHE D 93 -32.18 9.80 10.95
CA PHE D 93 -32.44 8.73 9.99
C PHE D 93 -33.62 9.10 9.09
N ILE D 94 -33.38 9.22 7.79
CA ILE D 94 -34.40 9.46 6.79
C ILE D 94 -34.36 8.30 5.79
N PRO D 95 -35.43 7.52 5.66
CA PRO D 95 -35.37 6.32 4.82
C PRO D 95 -34.84 6.65 3.42
N GLY D 96 -33.99 5.79 2.89
CA GLY D 96 -33.40 5.99 1.58
C GLY D 96 -32.20 6.92 1.53
N ARG D 97 -31.92 7.70 2.61
CA ARG D 97 -30.75 8.57 2.60
C ARG D 97 -29.92 8.48 3.89
N HIS D 98 -29.95 7.33 4.57
CA HIS D 98 -29.19 7.09 5.79
C HIS D 98 -29.39 8.21 6.83
N ALA D 99 -28.45 9.13 6.95
CA ALA D 99 -28.50 10.11 8.04
C ALA D 99 -27.88 11.40 7.56
N VAL D 100 -28.68 12.47 7.56
CA VAL D 100 -28.28 13.83 7.24
C VAL D 100 -29.08 14.77 8.13
N PRO D 101 -28.46 15.43 9.12
CA PRO D 101 -29.20 16.43 9.92
C PRO D 101 -29.45 17.69 9.10
N GLY D 102 -30.20 18.62 9.69
CA GLY D 102 -30.45 19.90 9.06
C GLY D 102 -31.75 20.00 8.30
N GLU D 103 -32.43 18.87 8.04
CA GLU D 103 -33.75 18.85 7.43
C GLU D 103 -34.82 19.05 8.51
N PRO D 104 -36.01 19.53 8.14
CA PRO D 104 -37.01 19.83 9.17
C PRO D 104 -37.46 18.59 9.89
N PRO D 105 -37.95 18.74 11.14
CA PRO D 105 -38.13 17.55 12.02
C PRO D 105 -39.20 16.56 11.57
N GLU D 106 -40.05 16.93 10.60
CA GLU D 106 -41.05 15.98 10.11
C GLU D 106 -40.44 14.92 9.21
N SER D 107 -39.23 15.16 8.70
CA SER D 107 -38.59 14.23 7.77
C SER D 107 -38.19 12.91 8.45
N TYR D 108 -37.92 12.93 9.76
CA TYR D 108 -37.37 11.78 10.46
C TYR D 108 -38.45 10.95 11.13
N PRO D 109 -38.85 9.82 10.52
CA PRO D 109 -39.96 9.03 11.09
C PRO D 109 -39.72 8.50 12.49
N LEU D 110 -38.46 8.31 12.90
CA LEU D 110 -38.17 7.71 14.19
C LEU D 110 -37.42 8.64 15.13
N ARG D 111 -37.12 9.89 14.73
CA ARG D 111 -36.51 10.85 15.63
C ARG D 111 -37.34 10.98 16.91
N GLY D 112 -36.70 10.72 18.04
CA GLY D 112 -37.33 10.87 19.34
C GLY D 112 -38.04 9.65 19.88
N VAL D 113 -37.71 8.44 19.42
CA VAL D 113 -38.28 7.26 20.03
C VAL D 113 -37.47 6.82 21.26
N ARG D 114 -36.15 6.86 21.18
CA ARG D 114 -35.31 6.48 22.32
C ARG D 114 -35.53 7.41 23.50
N THR D 115 -35.75 8.71 23.24
CA THR D 115 -35.87 9.71 24.30
C THR D 115 -37.27 9.74 24.93
N GLY D 116 -38.32 9.68 24.10
CA GLY D 116 -39.67 9.64 24.63
C GLY D 116 -40.75 10.27 23.77
N GLU D 117 -40.39 11.28 22.96
CA GLU D 117 -41.38 12.06 22.21
C GLU D 117 -42.34 11.17 21.42
N LYS D 118 -41.83 10.12 20.77
CA LYS D 118 -42.62 9.31 19.87
C LYS D 118 -42.70 7.86 20.34
N LYS D 119 -43.88 7.29 20.13
CA LYS D 119 -44.18 5.92 20.55
C LYS D 119 -43.30 4.93 19.78
N PRO D 120 -42.65 3.98 20.46
CA PRO D 120 -41.84 3.00 19.73
C PRO D 120 -42.71 2.16 18.83
N PRO D 121 -42.14 1.64 17.74
CA PRO D 121 -42.87 0.70 16.89
C PRO D 121 -43.39 -0.49 17.68
N PRO D 122 -44.24 -1.31 17.06
CA PRO D 122 -44.77 -2.49 17.76
C PRO D 122 -43.76 -3.61 17.98
N GLY D 123 -43.34 -3.78 19.23
CA GLY D 123 -42.40 -4.84 19.59
C GLY D 123 -41.07 -4.36 20.14
N TYR D 124 -40.84 -3.03 20.24
CA TYR D 124 -39.53 -2.46 20.56
C TYR D 124 -39.67 -1.43 21.68
N GLN D 125 -38.64 -1.37 22.53
CA GLN D 125 -38.51 -0.42 23.62
C GLN D 125 -37.65 0.76 23.19
N PRO D 126 -37.76 1.92 23.86
CA PRO D 126 -36.94 3.08 23.46
C PRO D 126 -35.47 2.75 23.36
N SER D 127 -34.95 1.91 24.26
CA SER D 127 -33.53 1.57 24.28
C SER D 127 -33.07 0.90 23.00
N ASP D 128 -33.99 0.31 22.23
CA ASP D 128 -33.67 -0.28 20.93
C ASP D 128 -33.22 0.75 19.90
N PHE D 129 -33.32 2.05 20.21
CA PHE D 129 -32.96 3.13 19.30
C PHE D 129 -31.85 3.99 19.87
N ALA D 130 -31.02 3.40 20.72
CA ALA D 130 -29.82 4.03 21.24
C ALA D 130 -28.59 3.41 20.58
N ILE D 131 -27.43 4.03 20.84
CA ILE D 131 -26.14 3.49 20.44
C ILE D 131 -25.73 2.39 21.41
N PRO D 132 -25.80 1.11 21.03
CA PRO D 132 -25.71 0.01 22.01
C PRO D 132 -24.27 -0.41 22.36
N LYS D 133 -24.10 -1.06 23.53
CA LYS D 133 -22.95 -1.93 23.72
C LYS D 133 -22.89 -2.92 22.60
N LEU D 134 -21.68 -3.27 22.17
CA LEU D 134 -21.59 -4.52 21.45
C LEU D 134 -22.13 -5.69 22.29
N ALA D 135 -21.78 -5.76 23.59
CA ALA D 135 -22.28 -6.82 24.46
C ALA D 135 -23.80 -6.94 24.42
N ASP D 136 -24.51 -5.80 24.43
CA ASP D 136 -25.97 -5.85 24.29
C ASP D 136 -26.39 -6.59 23.04
N VAL D 137 -25.71 -6.29 21.93
CA VAL D 137 -26.07 -6.91 20.66
C VAL D 137 -25.89 -8.43 20.73
N LEU D 138 -24.79 -8.94 21.31
CA LEU D 138 -24.57 -10.39 21.19
C LEU D 138 -25.42 -11.19 22.17
N GLU D 139 -25.79 -10.61 23.30
CA GLU D 139 -26.91 -11.19 24.06
C GLU D 139 -28.10 -11.39 23.13
N ALA D 140 -28.54 -10.28 22.52
CA ALA D 140 -29.75 -10.26 21.71
C ALA D 140 -29.72 -11.30 20.60
N PHE D 141 -28.55 -11.55 20.01
CA PHE D 141 -28.43 -12.50 18.89
C PHE D 141 -27.49 -13.63 19.27
N PRO D 142 -27.91 -14.54 20.15
CA PRO D 142 -27.05 -15.68 20.49
C PRO D 142 -26.72 -16.57 19.31
N ARG D 143 -27.62 -16.67 18.31
CA ARG D 143 -27.49 -17.67 17.26
C ARG D 143 -27.42 -17.08 15.86
N THR D 144 -27.11 -15.78 15.74
CA THR D 144 -26.92 -15.15 14.44
C THR D 144 -25.45 -14.81 14.24
N PRO D 145 -24.89 -15.01 13.05
CA PRO D 145 -23.49 -14.56 12.82
C PRO D 145 -23.41 -13.04 12.73
N ILE D 146 -22.31 -12.48 13.21
CA ILE D 146 -22.14 -11.03 13.19
C ILE D 146 -20.80 -10.57 12.61
N ASN D 147 -20.88 -9.82 11.52
CA ASN D 147 -19.70 -9.27 10.87
C ASN D 147 -19.32 -7.98 11.59
N ILE D 148 -18.10 -7.91 12.12
CA ILE D 148 -17.67 -6.76 12.94
C ILE D 148 -16.45 -6.10 12.31
N GLU D 149 -16.48 -4.77 12.25
CA GLU D 149 -15.42 -4.00 11.61
C GLU D 149 -14.84 -3.00 12.60
N ILE D 150 -13.54 -3.05 12.80
CA ILE D 150 -12.89 -2.16 13.74
C ILE D 150 -12.66 -0.81 13.06
N LYS D 151 -13.22 0.25 13.63
CA LYS D 151 -12.96 1.55 13.07
C LYS D 151 -12.01 2.29 13.99
N GLY D 152 -11.65 3.50 13.59
CA GLY D 152 -10.70 4.29 14.35
C GLY D 152 -11.15 5.74 14.41
N THR D 153 -10.52 6.47 15.29
CA THR D 153 -10.88 7.88 15.48
C THR D 153 -10.56 8.73 14.26
N SER D 154 -9.62 8.29 13.43
CA SER D 154 -9.28 8.97 12.18
C SER D 154 -8.29 8.08 11.43
N ASP D 155 -8.32 8.19 10.09
CA ASP D 155 -7.63 7.25 9.20
C ASP D 155 -6.11 7.20 9.41
N ALA D 156 -5.51 8.22 10.04
CA ALA D 156 -4.09 8.24 10.35
C ALA D 156 -3.80 7.98 11.82
N ASP D 157 -4.82 7.95 12.67
CA ASP D 157 -4.64 7.55 14.07
C ASP D 157 -4.70 6.02 14.15
N ILE D 158 -3.63 5.37 13.66
CA ILE D 158 -3.51 3.91 13.81
C ILE D 158 -3.51 3.49 15.27
N PRO D 159 -2.91 4.24 16.23
CA PRO D 159 -3.08 3.79 17.63
C PRO D 159 -4.52 3.50 18.01
N SER D 160 -5.46 4.40 17.67
CA SER D 160 -6.85 4.22 18.07
C SER D 160 -7.45 2.94 17.50
N PHE D 161 -7.13 2.62 16.24
CA PHE D 161 -7.54 1.34 15.67
C PHE D 161 -7.07 0.19 16.56
N LEU D 162 -5.78 0.19 16.92
CA LEU D 162 -5.26 -0.94 17.69
C LEU D 162 -5.87 -1.01 19.07
N HIS D 163 -6.18 0.14 19.67
CA HIS D 163 -6.88 0.15 20.94
C HIS D 163 -8.17 -0.69 20.87
N ASN D 164 -8.99 -0.45 19.83
CA ASN D 164 -10.26 -1.17 19.72
C ASN D 164 -10.05 -2.63 19.29
N ALA D 165 -9.03 -2.90 18.50
CA ALA D 165 -8.69 -4.29 18.20
C ALA D 165 -8.39 -5.06 19.49
N LYS D 166 -7.70 -4.42 20.43
CA LYS D 166 -7.45 -5.06 21.72
C LYS D 166 -8.77 -5.36 22.42
N LEU D 167 -9.53 -4.32 22.76
CA LEU D 167 -10.79 -4.48 23.46
C LEU D 167 -11.65 -5.56 22.80
N LEU D 168 -11.92 -5.41 21.50
CA LEU D 168 -12.80 -6.35 20.81
C LEU D 168 -12.30 -7.78 20.96
N ALA D 169 -10.98 -8.01 20.83
CA ALA D 169 -10.46 -9.37 20.99
C ALA D 169 -10.73 -9.92 22.39
N ARG D 170 -10.72 -9.07 23.43
CA ARG D 170 -11.02 -9.54 24.77
C ARG D 170 -12.44 -10.09 24.86
N LEU D 171 -13.43 -9.33 24.37
CA LEU D 171 -14.83 -9.67 24.59
C LEU D 171 -15.29 -10.83 23.72
N LEU D 172 -14.77 -10.91 22.49
CA LEU D 172 -15.11 -12.04 21.64
C LEU D 172 -14.54 -13.35 22.15
N LYS D 173 -13.46 -13.29 22.94
CA LYS D 173 -12.94 -14.49 23.60
C LYS D 173 -13.93 -14.98 24.65
N LYS D 174 -14.43 -14.06 25.49
CA LYS D 174 -15.37 -14.30 26.56
C LYS D 174 -16.74 -14.79 26.09
N THR D 175 -17.02 -14.84 24.79
CA THR D 175 -18.25 -15.45 24.30
C THR D 175 -18.07 -16.90 23.89
N GLY D 176 -16.83 -17.31 23.58
CA GLY D 176 -16.54 -18.64 23.11
C GLY D 176 -17.19 -18.98 21.79
N ARG D 177 -17.67 -17.98 21.05
CA ARG D 177 -18.36 -18.18 19.78
C ARG D 177 -17.37 -18.01 18.64
N THR D 178 -17.52 -18.86 17.62
CA THR D 178 -16.70 -18.82 16.41
C THR D 178 -17.47 -18.30 15.18
N ASP D 179 -18.74 -17.90 15.35
CA ASP D 179 -19.54 -17.41 14.22
C ASP D 179 -19.49 -15.88 14.16
N PHE D 180 -18.28 -15.38 13.84
CA PHE D 180 -18.10 -13.98 13.50
C PHE D 180 -17.23 -13.91 12.26
N ILE D 181 -17.10 -12.67 11.76
CA ILE D 181 -16.00 -12.30 10.88
C ILE D 181 -15.60 -10.90 11.32
N VAL D 182 -14.31 -10.72 11.65
CA VAL D 182 -13.77 -9.45 12.10
C VAL D 182 -12.82 -8.92 11.04
N THR D 183 -12.78 -7.61 10.87
CA THR D 183 -11.97 -7.03 9.81
C THR D 183 -11.81 -5.55 10.11
N SER D 184 -11.19 -4.84 9.17
CA SER D 184 -10.87 -3.43 9.34
C SER D 184 -10.24 -2.94 8.04
N LEU D 185 -10.34 -1.63 7.80
CA LEU D 185 -9.54 -1.03 6.73
C LEU D 185 -8.06 -1.17 7.03
N ASN D 186 -7.71 -1.09 8.32
CA ASN D 186 -6.33 -1.08 8.77
C ASN D 186 -5.83 -2.51 8.97
N ASP D 187 -4.81 -2.92 8.19
CA ASP D 187 -4.37 -4.31 8.24
C ASP D 187 -3.70 -4.65 9.56
N LEU D 188 -3.01 -3.69 10.18
CA LEU D 188 -2.37 -3.91 11.47
C LEU D 188 -3.41 -4.12 12.57
N ALA D 189 -4.57 -3.49 12.44
CA ALA D 189 -5.66 -3.78 13.36
C ALA D 189 -6.16 -5.21 13.17
N VAL D 190 -6.23 -5.66 11.92
CA VAL D 190 -6.56 -7.06 11.70
C VAL D 190 -5.42 -7.93 12.19
N ALA D 191 -4.19 -7.44 12.07
CA ALA D 191 -3.04 -8.17 12.62
C ALA D 191 -3.21 -8.36 14.12
N LYS D 192 -3.24 -7.26 14.87
CA LYS D 192 -3.40 -7.36 16.33
C LYS D 192 -4.52 -8.33 16.69
N PHE D 193 -5.75 -8.06 16.22
CA PHE D 193 -6.89 -8.90 16.57
C PHE D 193 -6.60 -10.39 16.32
N HIS D 194 -6.02 -10.74 15.16
CA HIS D 194 -5.82 -12.16 14.87
C HIS D 194 -4.79 -12.76 15.80
N LEU D 195 -3.89 -11.91 16.32
CA LEU D 195 -2.97 -12.34 17.35
C LEU D 195 -3.72 -12.67 18.65
N LEU D 196 -4.34 -11.66 19.27
CA LEU D 196 -4.98 -11.82 20.57
C LEU D 196 -6.21 -12.71 20.55
N ALA D 197 -6.69 -13.12 19.38
CA ALA D 197 -7.93 -13.90 19.27
C ALA D 197 -7.81 -14.79 18.05
N PRO D 198 -7.00 -15.85 18.14
CA PRO D 198 -6.65 -16.63 16.95
C PRO D 198 -7.79 -17.48 16.43
N ASP D 199 -8.85 -17.66 17.21
CA ASP D 199 -9.92 -18.58 16.81
C ASP D 199 -11.09 -17.89 16.11
N ILE D 200 -11.15 -16.56 16.13
CA ILE D 200 -12.21 -15.80 15.47
C ILE D 200 -11.84 -15.62 14.00
N PRO D 201 -12.72 -15.97 13.06
CA PRO D 201 -12.37 -15.81 11.64
C PRO D 201 -12.31 -14.34 11.24
N ILE D 202 -11.54 -14.06 10.19
CA ILE D 202 -11.29 -12.68 9.79
C ILE D 202 -11.27 -12.55 8.27
N ALA D 203 -11.25 -11.29 7.82
CA ALA D 203 -11.13 -10.88 6.42
C ALA D 203 -10.07 -9.81 6.28
N PRO D 204 -9.29 -9.83 5.20
CA PRO D 204 -8.16 -8.91 5.07
C PRO D 204 -8.57 -7.45 5.09
N GLY D 205 -7.60 -6.62 5.46
CA GLY D 205 -7.73 -5.18 5.39
C GLY D 205 -7.37 -4.64 4.03
N MET D 206 -7.18 -3.31 3.97
CA MET D 206 -7.02 -2.60 2.70
C MET D 206 -5.81 -3.11 1.94
N ALA D 207 -4.64 -3.13 2.60
CA ALA D 207 -3.40 -3.56 1.96
C ALA D 207 -3.39 -5.06 1.67
N GLY D 208 -3.89 -5.88 2.59
CA GLY D 208 -4.03 -7.30 2.27
C GLY D 208 -4.86 -7.53 1.04
N LEU D 209 -5.90 -6.72 0.83
CA LEU D 209 -6.76 -6.92 -0.32
C LEU D 209 -6.07 -6.53 -1.61
N ALA D 210 -5.41 -5.36 -1.59
CA ALA D 210 -4.67 -4.89 -2.76
C ALA D 210 -3.60 -5.88 -3.18
N ALA D 211 -2.86 -6.44 -2.21
CA ALA D 211 -1.86 -7.44 -2.50
C ALA D 211 -2.46 -8.65 -3.17
N TYR D 212 -3.59 -9.13 -2.66
CA TYR D 212 -4.26 -10.27 -3.27
C TYR D 212 -4.84 -9.93 -4.63
N PHE D 213 -5.25 -8.69 -4.84
CA PHE D 213 -5.93 -8.38 -6.09
C PHE D 213 -4.93 -8.24 -7.23
N LEU D 214 -3.84 -7.51 -6.99
CA LEU D 214 -2.89 -7.12 -8.01
C LEU D 214 -1.76 -8.12 -8.24
N LEU D 215 -1.41 -8.93 -7.22
CA LEU D 215 -0.26 -9.84 -7.26
C LEU D 215 -0.58 -11.25 -6.79
N GLY D 216 -1.83 -11.55 -6.50
CA GLY D 216 -2.15 -12.93 -6.12
C GLY D 216 -1.46 -13.37 -4.85
N VAL D 217 -1.14 -12.43 -3.98
CA VAL D 217 -0.54 -12.72 -2.69
C VAL D 217 -1.67 -13.06 -1.72
N LYS D 218 -1.65 -14.27 -1.20
CA LYS D 218 -2.83 -14.63 -0.43
C LYS D 218 -2.84 -13.96 0.95
N PRO D 219 -4.04 -13.64 1.49
CA PRO D 219 -4.12 -12.85 2.73
C PRO D 219 -3.65 -13.57 3.98
N MET D 220 -3.64 -12.83 5.10
CA MET D 220 -3.30 -13.35 6.42
C MET D 220 -3.98 -14.69 6.71
N HIS D 221 -3.32 -15.52 7.50
CA HIS D 221 -3.92 -16.80 7.85
C HIS D 221 -5.07 -16.54 8.83
N GLY D 222 -6.09 -17.39 8.77
CA GLY D 222 -7.35 -17.15 9.44
C GLY D 222 -8.39 -16.41 8.61
N THR D 223 -8.04 -16.01 7.39
CA THR D 223 -8.96 -15.31 6.50
C THR D 223 -10.01 -16.27 5.95
N VAL D 224 -11.27 -16.05 6.31
CA VAL D 224 -12.37 -16.88 5.80
C VAL D 224 -12.96 -16.31 4.51
N ALA D 225 -12.89 -15.00 4.34
CA ALA D 225 -13.64 -14.36 3.28
C ALA D 225 -12.98 -13.05 2.91
N LEU D 226 -13.06 -12.71 1.64
CA LEU D 226 -12.68 -11.38 1.17
C LEU D 226 -13.93 -10.51 1.09
N GLN D 227 -13.90 -9.40 1.78
CA GLN D 227 -15.03 -8.47 1.84
C GLN D 227 -14.63 -7.20 1.11
N ILE D 228 -15.14 -7.09 -0.11
CA ILE D 228 -14.72 -6.15 -1.15
C ILE D 228 -15.82 -5.16 -1.48
N PRO D 229 -15.49 -3.93 -1.86
CA PRO D 229 -16.49 -3.08 -2.51
C PRO D 229 -16.77 -3.60 -3.91
N VAL D 230 -17.79 -3.02 -4.54
CA VAL D 230 -18.08 -3.36 -5.93
C VAL D 230 -16.98 -2.83 -6.82
N ARG D 231 -16.38 -1.72 -6.42
CA ARG D 231 -15.61 -0.86 -7.29
C ARG D 231 -14.74 -0.01 -6.39
N TYR D 232 -13.50 0.22 -6.80
CA TYR D 232 -12.58 0.98 -5.97
C TYR D 232 -11.62 1.74 -6.88
N GLN D 233 -11.60 3.06 -6.74
CA GLN D 233 -10.78 3.92 -7.58
C GLN D 233 -10.99 3.59 -9.05
N GLY D 234 -12.24 3.71 -9.49
CA GLY D 234 -12.59 3.49 -10.88
C GLY D 234 -12.32 2.09 -11.41
N LEU D 235 -12.03 1.17 -10.50
CA LEU D 235 -11.62 -0.19 -10.87
C LEU D 235 -12.65 -1.20 -10.37
N GLU D 236 -13.16 -2.02 -11.28
CA GLU D 236 -14.27 -2.91 -10.97
C GLU D 236 -13.70 -4.15 -10.29
N ILE D 237 -14.05 -4.34 -9.02
CA ILE D 237 -13.47 -5.39 -8.19
C ILE D 237 -14.40 -6.60 -8.13
N ALA D 238 -15.65 -6.37 -7.71
CA ALA D 238 -16.61 -7.44 -7.56
C ALA D 238 -17.07 -8.03 -8.90
N THR D 239 -16.12 -8.49 -9.73
CA THR D 239 -16.49 -9.09 -11.01
C THR D 239 -16.70 -10.59 -10.87
N PRO D 240 -17.40 -11.21 -11.82
CA PRO D 240 -17.48 -12.68 -11.83
C PRO D 240 -16.13 -13.38 -11.80
N GLU D 241 -15.19 -12.92 -12.63
CA GLU D 241 -13.90 -13.56 -12.74
C GLU D 241 -13.12 -13.47 -11.44
N PHE D 242 -13.15 -12.30 -10.80
CA PHE D 242 -12.45 -12.17 -9.52
C PHE D 242 -13.06 -13.09 -8.49
N ILE D 243 -14.39 -13.25 -8.49
CA ILE D 243 -15.03 -14.06 -7.46
C ILE D 243 -14.75 -15.52 -7.71
N ARG D 244 -14.74 -15.95 -8.97
CA ARG D 244 -14.33 -17.31 -9.27
C ARG D 244 -12.92 -17.58 -8.78
N ARG D 245 -12.01 -16.63 -9.02
CA ARG D 245 -10.62 -16.79 -8.62
C ARG D 245 -10.48 -16.83 -7.09
N ALA D 246 -11.26 -16.02 -6.37
CA ALA D 246 -11.24 -16.11 -4.92
C ALA D 246 -11.92 -17.38 -4.43
N HIS D 247 -12.89 -17.88 -5.18
CA HIS D 247 -13.54 -19.15 -4.82
C HIS D 247 -12.60 -20.32 -5.03
N ALA D 248 -11.68 -20.22 -5.99
CA ALA D 248 -10.69 -21.26 -6.20
C ALA D 248 -9.80 -21.39 -4.97
N ASP D 249 -9.27 -20.26 -4.47
CA ASP D 249 -8.47 -20.27 -3.26
C ASP D 249 -9.28 -20.51 -2.00
N GLY D 250 -10.47 -21.08 -2.12
CA GLY D 250 -11.31 -21.35 -0.96
C GLY D 250 -11.58 -20.16 -0.05
N TYR D 251 -11.68 -18.95 -0.61
CA TYR D 251 -12.11 -17.77 0.13
C TYR D 251 -13.54 -17.43 -0.26
N ALA D 252 -14.36 -17.06 0.72
CA ALA D 252 -15.67 -16.52 0.40
C ALA D 252 -15.56 -15.04 0.06
N VAL D 253 -16.46 -14.58 -0.80
CA VAL D 253 -16.50 -13.18 -1.21
C VAL D 253 -17.78 -12.57 -0.70
N HIS D 254 -17.66 -11.52 0.10
CA HIS D 254 -18.79 -10.70 0.52
C HIS D 254 -18.63 -9.31 -0.06
N VAL D 255 -19.69 -8.80 -0.67
CA VAL D 255 -19.65 -7.59 -1.48
C VAL D 255 -20.41 -6.49 -0.75
N TRP D 256 -19.80 -5.32 -0.62
CA TRP D 256 -20.51 -4.19 -0.06
C TRP D 256 -20.58 -3.04 -1.06
N PHE D 257 -21.16 -1.93 -0.62
CA PHE D 257 -21.57 -0.90 -1.57
C PHE D 257 -21.20 0.50 -1.10
N SER D 258 -21.97 1.07 -0.21
CA SER D 258 -21.61 2.31 0.49
C SER D 258 -20.94 3.35 -0.42
N GLY D 259 -21.61 3.70 -1.51
CA GLY D 259 -21.10 4.74 -2.39
C GLY D 259 -20.18 4.27 -3.51
N THR D 260 -19.57 3.10 -3.38
CA THR D 260 -18.81 2.55 -4.50
C THR D 260 -19.72 2.10 -5.65
N ALA D 261 -20.99 1.84 -5.35
CA ALA D 261 -21.98 1.45 -6.34
C ALA D 261 -23.36 1.69 -5.73
N PRO D 262 -24.40 1.86 -6.54
CA PRO D 262 -25.73 2.09 -5.97
C PRO D 262 -26.27 0.87 -5.24
N ASP D 263 -26.91 1.13 -4.09
CA ASP D 263 -27.81 0.19 -3.43
C ASP D 263 -29.15 0.15 -4.17
N ASP D 264 -29.20 -0.58 -5.29
CA ASP D 264 -30.43 -0.67 -6.06
C ASP D 264 -30.65 -2.10 -6.58
N GLU D 265 -31.86 -2.34 -7.10
CA GLU D 265 -32.23 -3.66 -7.59
C GLU D 265 -31.23 -4.17 -8.63
N ALA D 266 -30.87 -3.31 -9.61
CA ALA D 266 -30.02 -3.76 -10.70
C ALA D 266 -28.68 -4.28 -10.19
N THR D 267 -28.04 -3.51 -9.29
CA THR D 267 -26.72 -3.85 -8.83
C THR D 267 -26.73 -5.13 -7.99
N TYR D 268 -27.63 -5.20 -7.00
CA TYR D 268 -27.80 -6.43 -6.24
C TYR D 268 -27.89 -7.64 -7.17
N ASN D 269 -28.83 -7.62 -8.12
CA ASN D 269 -28.93 -8.70 -9.08
C ASN D 269 -27.60 -9.02 -9.75
N ARG D 270 -26.87 -7.99 -10.18
CA ARG D 270 -25.60 -8.23 -10.88
C ARG D 270 -24.57 -8.89 -9.95
N ILE D 271 -24.50 -8.45 -8.70
CA ILE D 271 -23.57 -9.07 -7.75
C ILE D 271 -24.00 -10.51 -7.45
N ILE D 272 -25.28 -10.73 -7.19
CA ILE D 272 -25.78 -12.10 -7.02
C ILE D 272 -25.47 -12.94 -8.25
N ASP D 273 -25.70 -12.40 -9.43
CA ASP D 273 -25.40 -13.20 -10.60
C ASP D 273 -23.90 -13.33 -10.80
N SER D 274 -23.11 -12.63 -10.01
CA SER D 274 -21.66 -12.74 -10.07
C SER D 274 -21.13 -13.83 -9.13
N CYS D 275 -22.02 -14.66 -8.59
CA CYS D 275 -21.71 -15.77 -7.69
C CYS D 275 -21.18 -15.31 -6.35
N ALA D 276 -21.42 -14.07 -5.96
CA ALA D 276 -20.96 -13.63 -4.65
C ALA D 276 -21.71 -14.39 -3.56
N ASP D 277 -21.01 -14.65 -2.47
CA ASP D 277 -21.60 -15.46 -1.40
C ASP D 277 -22.44 -14.62 -0.47
N GLY D 278 -22.06 -13.37 -0.24
CA GLY D 278 -22.84 -12.47 0.57
C GLY D 278 -22.86 -11.08 -0.03
N LEU D 279 -23.89 -10.32 0.33
CA LEU D 279 -24.02 -8.92 -0.03
C LEU D 279 -24.30 -8.14 1.24
N MET D 280 -23.75 -6.93 1.33
CA MET D 280 -24.02 -6.09 2.48
C MET D 280 -24.88 -4.87 2.07
N PRO D 281 -26.20 -5.06 1.98
CA PRO D 281 -27.07 -4.02 1.43
C PRO D 281 -27.57 -3.03 2.46
N ALA D 282 -27.66 -1.77 2.01
CA ALA D 282 -28.42 -0.75 2.74
C ALA D 282 -29.92 -1.01 2.70
N TYR D 283 -30.41 -1.73 1.71
CA TYR D 283 -31.81 -2.06 1.61
C TYR D 283 -32.00 -3.55 1.80
N PRO D 284 -31.95 -4.06 3.04
CA PRO D 284 -32.00 -5.53 3.21
C PRO D 284 -33.33 -6.14 2.77
N ALA D 285 -34.45 -5.49 3.12
CA ALA D 285 -35.74 -5.97 2.65
C ALA D 285 -35.79 -6.06 1.13
N LEU D 286 -35.19 -5.07 0.45
CA LEU D 286 -35.12 -5.14 -1.01
C LEU D 286 -34.37 -6.38 -1.46
N LEU D 287 -33.20 -6.63 -0.87
CA LEU D 287 -32.44 -7.81 -1.27
C LEU D 287 -33.19 -9.09 -0.92
N GLU D 288 -33.88 -9.12 0.22
CA GLU D 288 -34.57 -10.34 0.59
C GLU D 288 -35.63 -10.70 -0.44
N ARG D 289 -36.37 -9.69 -0.85
CA ARG D 289 -37.39 -9.85 -1.89
C ARG D 289 -36.79 -10.39 -3.18
N ILE D 290 -35.71 -9.75 -3.66
CA ILE D 290 -35.03 -10.24 -4.86
C ILE D 290 -34.73 -11.72 -4.71
N LEU D 291 -34.19 -12.12 -3.55
CA LEU D 291 -33.79 -13.51 -3.38
C LEU D 291 -34.99 -14.45 -3.37
N ASP D 292 -36.08 -14.04 -2.69
CA ASP D 292 -37.31 -14.82 -2.72
C ASP D 292 -37.77 -15.01 -4.15
N GLU D 293 -38.05 -13.90 -4.85
CA GLU D 293 -38.66 -13.96 -6.17
C GLU D 293 -37.84 -14.78 -7.15
N ARG D 294 -36.52 -14.60 -7.16
CA ARG D 294 -35.72 -15.43 -8.06
C ARG D 294 -35.49 -16.84 -7.53
N GLY D 295 -35.65 -17.06 -6.23
CA GLY D 295 -35.60 -18.39 -5.64
C GLY D 295 -34.20 -18.90 -5.33
N ILE D 296 -33.39 -18.03 -4.76
CA ILE D 296 -31.94 -18.25 -4.68
C ILE D 296 -31.62 -19.12 -3.47
N GLU D 297 -30.69 -20.08 -3.66
CA GLU D 297 -30.20 -20.86 -2.54
C GLU D 297 -29.78 -19.96 -1.38
N ARG D 298 -30.22 -20.32 -0.20
CA ARG D 298 -29.89 -19.60 1.03
C ARG D 298 -29.18 -20.58 1.97
N PRO D 299 -28.69 -20.16 3.14
CA PRO D 299 -28.09 -21.15 4.05
C PRO D 299 -29.17 -22.05 4.63
N GLY D 300 -29.03 -23.36 4.35
CA GLY D 300 -29.95 -24.36 4.85
C GLY D 300 -31.21 -24.56 4.04
N ARG D 301 -31.50 -23.68 3.08
CA ARG D 301 -32.70 -23.78 2.26
C ARG D 301 -32.30 -23.91 0.79
N PRO D 302 -32.32 -25.12 0.21
CA PRO D 302 -31.84 -25.29 -1.17
C PRO D 302 -32.64 -24.45 -2.15
N GLY D 303 -32.01 -24.16 -3.28
CA GLY D 303 -32.56 -23.19 -4.21
C GLY D 303 -31.72 -23.19 -5.47
N VAL D 304 -31.80 -22.10 -6.25
CA VAL D 304 -31.00 -22.02 -7.47
C VAL D 304 -29.67 -21.37 -7.16
N ASP D 305 -28.62 -22.02 -7.61
CA ASP D 305 -27.30 -21.43 -7.71
C ASP D 305 -27.33 -20.51 -8.93
N PRO D 306 -27.20 -19.19 -8.77
CA PRO D 306 -27.23 -18.31 -9.95
C PRO D 306 -26.05 -18.48 -10.90
N CYS D 307 -25.20 -19.49 -10.70
CA CYS D 307 -24.07 -19.76 -11.61
C CYS D 307 -23.88 -21.25 -11.95
C10 KIP E . -2.00 3.51 -16.64
C13 KIP E . -4.36 5.36 -14.15
C15 KIP E . -2.99 7.08 -12.87
C17 KIP E . -1.71 8.60 -11.32
C20 KIP E . -1.32 8.34 -7.55
C21 KIP E . -1.72 9.11 -6.29
C22 KIP E . -6.50 3.69 -23.15
C28 KIP E . -9.66 2.83 -24.55
P24 KIP E . -8.46 2.27 -22.14
C01 KIP E . -5.09 3.95 -22.56
O02 KIP E . -4.19 4.05 -23.69
C03 KIP E . -4.59 2.82 -21.59
O04 KIP E . -3.55 3.22 -20.59
C05 KIP E . -2.18 2.90 -20.66
O06 KIP E . -1.37 3.34 -21.50
C07 KIP E . -1.65 1.97 -19.52
C08 KIP E . -0.61 2.71 -18.63
C09 KIP E . -1.27 3.93 -17.95
C11 KIP E . -2.78 4.70 -15.99
C12 KIP E . -4.01 4.25 -15.14
C14 KIP E . -3.17 5.60 -13.22
C16 KIP E . -2.29 7.19 -11.52
C18 KIP E . -0.92 8.63 -10.01
C19 KIP E . -1.74 9.12 -8.80
O23 KIP E . -7.52 3.60 -22.13
O25 KIP E . -7.68 1.23 -22.86
O26 KIP E . -9.01 1.98 -20.76
O27 KIP E . -9.74 2.69 -23.09
C29 KIP E . -10.55 1.83 -25.34
N30 KIP E . -10.82 2.29 -26.72
C31 KIP E . -9.55 2.46 -27.45
C32 KIP E . -11.62 3.54 -26.56
C33 KIP E . -11.48 1.25 -27.54
C10 KIP F . 5.24 12.89 10.75
C13 KIP F . 4.22 9.18 11.80
C15 KIP F . 6.15 7.56 11.54
C17 KIP F . 7.73 5.63 11.27
C20 KIP F . 7.59 2.11 9.58
C21 KIP F . 6.85 0.81 9.93
C22 KIP F . 2.96 17.95 14.95
C28 KIP F . 0.69 18.64 17.60
P24 KIP F . 0.51 16.80 15.44
C01 KIP F . 4.30 17.69 14.17
O02 KIP F . 5.35 18.56 14.64
C03 KIP F . 4.21 17.92 12.64
O04 KIP F . 4.51 16.70 11.89
C05 KIP F . 5.40 16.84 10.83
O06 KIP F . 6.41 17.57 10.85
C07 KIP F . 5.03 15.96 9.59
C08 KIP F . 6.05 14.83 9.40
C09 KIP F . 5.31 13.49 9.33
C11 KIP F . 5.13 11.32 10.72
C12 KIP F . 3.98 10.68 11.57
C14 KIP F . 5.27 8.61 10.81
C16 KIP F . 7.17 6.91 10.60
C18 KIP F . 8.02 4.51 10.25
C19 KIP F . 7.47 3.15 10.71
O23 KIP F . 2.17 16.76 15.30
O25 KIP F . -0.01 17.80 14.47
O26 KIP F . -0.06 15.40 15.43
O27 KIP F . 0.20 17.40 16.98
C29 KIP F . -0.25 19.88 17.42
N30 KIP F . -0.45 20.77 18.60
C31 KIP F . 0.63 20.68 19.57
C32 KIP F . -1.66 20.31 19.31
C33 KIP F . -0.52 22.20 18.18
C10 KIP G . 12.41 -15.02 1.09
C13 KIP G . 8.96 -15.07 -0.76
C15 KIP G . 9.06 -13.93 -3.01
C17 KIP G . 9.02 -12.71 -5.25
C20 KIP G . 6.28 -10.79 -6.87
C21 KIP G . 4.96 -11.39 -7.37
C22 KIP G . 13.23 -21.46 3.23
C28 KIP G . 11.92 -24.46 4.77
P24 KIP G . 11.08 -21.84 4.77
C01 KIP G . 14.00 -20.16 2.82
O02 KIP G . 15.39 -20.25 3.22
C03 KIP G . 13.36 -18.89 3.43
O04 KIP G . 13.66 -17.67 2.65
C05 KIP G . 14.73 -16.87 3.03
O06 KIP G . 15.91 -17.30 3.12
C07 KIP G . 14.33 -15.37 3.38
C08 KIP G . 14.49 -14.31 2.25
C09 KIP G . 13.11 -13.82 1.79
C11 KIP G . 11.36 -14.61 0.03
C12 KIP G . 9.87 -14.74 0.45
C14 KIP G . 8.61 -13.80 -1.55
C16 KIP G . 8.77 -12.61 -3.74
C18 KIP G . 8.49 -11.47 -5.98
C19 KIP G . 7.36 -11.85 -6.93
O23 KIP G . 11.82 -21.24 3.43
O25 KIP G . 12.03 -21.66 5.92
O26 KIP G . 9.65 -21.37 4.90
O27 KIP G . 10.99 -23.44 4.37
C29 KIP G . 11.51 -25.13 6.09
N30 KIP G . 11.96 -26.54 6.22
C31 KIP G . 13.41 -26.65 6.51
C32 KIP G . 11.60 -27.26 4.99
C33 KIP G . 11.24 -27.09 7.38
C10 KIP H . -12.88 1.37 3.54
C13 KIP H . -11.12 -0.02 0.30
C15 KIP H . -10.55 -1.91 -1.25
C17 KIP H . -9.46 -3.25 -3.07
C20 KIP H . -6.88 -2.69 -5.95
C21 KIP H . -6.01 -1.48 -6.28
C22 KIP H . -18.10 -0.40 4.93
C28 KIP H . -20.35 2.75 5.44
P24 KIP H . -17.66 2.23 5.12
C01 KIP H . -17.42 -1.65 4.28
O02 KIP H . -18.35 -2.74 4.21
C03 KIP H . -16.11 -2.10 5.03
O04 KIP H . -15.40 -3.27 4.44
C05 KIP H . -14.03 -3.43 4.69
O06 KIP H . -13.40 -4.48 4.52
C07 KIP H . -13.27 -2.18 5.25
C08 KIP H . -12.82 -1.18 4.15
C09 KIP H . -13.06 0.29 4.64
C11 KIP H . -12.69 0.82 2.10
C12 KIP H . -11.21 0.56 1.72
C14 KIP H . -10.45 -1.40 0.21
C16 KIP H . -9.21 -2.43 -1.79
C18 KIP H . -8.21 -3.48 -3.95
C19 KIP H . -7.97 -2.33 -4.93
O23 KIP H . -17.77 0.84 4.25
O25 KIP H . -17.70 1.86 6.55
O26 KIP H . -16.54 3.11 4.60
O27 KIP H . -19.09 2.97 4.72
C29 KIP H . -20.80 4.05 6.19
N30 KIP H . -22.18 4.05 6.73
C31 KIP H . -22.42 3.13 7.86
C32 KIP H . -23.11 3.73 5.64
C33 KIP H . -22.41 5.42 7.22
#